data_9KFX
#
_entry.id   9KFX
#
_cell.length_a   103.660
_cell.length_b   109.350
_cell.length_c   187.410
_cell.angle_alpha   90.00
_cell.angle_beta   90.00
_cell.angle_gamma   90.00
#
_symmetry.space_group_name_H-M   'P 21 21 21'
#
loop_
_entity.id
_entity.type
_entity.pdbx_description
1 polymer 'Synthetic PPR-DYW protein'
2 polymer "rpoA RNA (5'-R(*UP*UP*AP*CP*AP*CP*GP*UP*GP*CP*AP*AP*AP*AP*UP*CP*UP*G)-3')"
3 non-polymer 'ZINC ION'
4 non-polymer GLYCEROL
5 water water
#
loop_
_entity_poly.entity_id
_entity_poly.type
_entity_poly.pdbx_seq_one_letter_code
_entity_poly.pdbx_strand_id
1 'polypeptide(L)'
;NSVFSWNSKIRGYARNGQPEEALSLYSQMRRSGIKPDNYTFPFVLKACASLSSLKEGKQIHGHVIKSGFESDVYVQSALI
DMYAKCGELEDARKVFDEMPERNVVSWNAMISGYAQNGQSEEALELFREMQQEGIKPSEFTFCSVLSACASLGSLEMGKQ
IHGYVIKSGFESIVFVGNALIDMYAKCGSIEDARKVFDEMPERTVVSWTAMISGYAQNGQSEEALELFREMQREGVKPDE
VTLPSVLSACANLGALEQGKQIHAYVIKSGFESDVFVGSALIDMYAKCGSIEDARKVFDKMPERDVVSWNAMIAAYAQHG
HGKEALQLFQQMQQEGVKPSEVTFTSILSACSHAGLVDEGHHYFESMSPDYGITPRVEHYGCMVDLLGRAGRLDEAEDLI
KSMPFQPNVVVWGTLLGACRVHGDVERGERAAERILELDPESAAPYVLLSNIYAAAGRWDEAAKVRKLMKERGVKKEPGC
SWIEVNNKVHEFVAGDKSHPQTKEIYAELERLSKQMKEAGYVPDTKFVLHDVEEEEKEQLLCYHSEKLAIAFGLISTPPG
TPLRIIKNLRVCGDCHTATKFISKIVGREIVVRDANRFHHFKDGVCSCGDYW
;
A,B
2 'polyribonucleotide' UUACACGUGCAAAAUCUG R,r
#
loop_
_chem_comp.id
_chem_comp.type
_chem_comp.name
_chem_comp.formula
A RNA linking ADENOSINE-5'-MONOPHOSPHATE 'C10 H14 N5 O7 P'
C RNA linking CYTIDINE-5'-MONOPHOSPHATE 'C9 H14 N3 O8 P'
G RNA linking GUANOSINE-5'-MONOPHOSPHATE 'C10 H14 N5 O8 P'
GOL non-polymer GLYCEROL 'C3 H8 O3'
U RNA linking URIDINE-5'-MONOPHOSPHATE 'C9 H13 N2 O9 P'
ZN non-polymer 'ZINC ION' 'Zn 2'
#
# COMPACT_ATOMS: atom_id res chain seq x y z
N ASN A 1 -29.87 26.09 34.02
CA ASN A 1 -28.74 25.28 34.45
C ASN A 1 -27.42 25.91 34.03
N SER A 2 -26.50 25.08 33.55
CA SER A 2 -25.22 25.53 33.01
C SER A 2 -25.02 24.91 31.64
N VAL A 3 -24.07 25.48 30.90
CA VAL A 3 -23.74 24.92 29.58
C VAL A 3 -23.24 23.49 29.73
N PHE A 4 -22.56 23.18 30.84
CA PHE A 4 -22.08 21.82 31.08
C PHE A 4 -23.25 20.86 31.30
N SER A 5 -24.20 21.26 32.15
CA SER A 5 -25.37 20.42 32.39
C SER A 5 -26.16 20.18 31.12
N TRP A 6 -26.37 21.24 30.33
CA TRP A 6 -27.08 21.08 29.07
C TRP A 6 -26.31 20.22 28.09
N ASN A 7 -24.98 20.40 28.02
CA ASN A 7 -24.18 19.62 27.10
C ASN A 7 -24.20 18.14 27.46
N SER A 8 -24.12 17.83 28.75
CA SER A 8 -24.11 16.43 29.18
C SER A 8 -25.43 15.75 28.86
N LYS A 9 -26.56 16.44 29.06
CA LYS A 9 -27.85 15.87 28.68
C LYS A 9 -27.93 15.66 27.18
N ILE A 10 -27.56 16.67 26.40
CA ILE A 10 -27.62 16.56 24.94
C ILE A 10 -26.63 15.50 24.45
N ARG A 11 -25.42 15.49 25.01
CA ARG A 11 -24.43 14.48 24.62
C ARG A 11 -24.95 13.07 24.86
N GLY A 12 -25.59 12.86 26.02
CA GLY A 12 -26.06 11.52 26.34
C GLY A 12 -27.07 11.00 25.33
N TYR A 13 -28.06 11.83 24.98
CA TYR A 13 -29.11 11.38 24.07
C TYR A 13 -28.63 11.27 22.64
N ALA A 14 -27.66 12.10 22.23
CA ALA A 14 -27.20 12.09 20.86
C ALA A 14 -26.46 10.80 20.52
N ARG A 15 -25.68 10.28 21.48
CA ARG A 15 -24.92 9.06 21.28
C ARG A 15 -25.67 7.81 21.73
N ASN A 16 -26.77 7.97 22.47
CA ASN A 16 -27.54 6.82 22.93
C ASN A 16 -28.54 6.31 21.90
N GLY A 17 -28.93 7.15 20.94
CA GLY A 17 -29.90 6.75 19.94
C GLY A 17 -31.22 7.47 20.10
N GLN A 18 -31.18 8.67 20.68
CA GLN A 18 -32.37 9.49 20.88
C GLN A 18 -32.10 10.87 20.29
N PRO A 19 -32.02 10.97 18.96
CA PRO A 19 -31.64 12.26 18.35
C PRO A 19 -32.68 13.36 18.56
N GLU A 20 -33.97 13.02 18.58
CA GLU A 20 -34.99 14.04 18.78
C GLU A 20 -34.94 14.61 20.19
N GLU A 21 -34.60 13.79 21.19
CA GLU A 21 -34.46 14.31 22.54
C GLU A 21 -33.28 15.26 22.66
N ALA A 22 -32.20 14.98 21.92
CA ALA A 22 -31.05 15.89 21.92
C ALA A 22 -31.40 17.21 21.25
N LEU A 23 -32.22 17.16 20.20
CA LEU A 23 -32.61 18.39 19.51
C LEU A 23 -33.65 19.17 20.31
N SER A 24 -34.56 18.47 20.99
CA SER A 24 -35.51 19.16 21.86
C SER A 24 -34.80 19.88 23.00
N LEU A 25 -33.79 19.24 23.59
CA LEU A 25 -33.01 19.89 24.64
C LEU A 25 -32.18 21.04 24.08
N TYR A 26 -31.72 20.93 22.84
CA TYR A 26 -31.04 22.04 22.19
C TYR A 26 -31.95 23.26 22.10
N SER A 27 -33.22 23.05 21.78
CA SER A 27 -34.16 24.17 21.69
C SER A 27 -34.44 24.77 23.05
N GLN A 28 -34.70 23.92 24.06
CA GLN A 28 -34.93 24.43 25.40
C GLN A 28 -33.71 25.16 25.95
N MET A 29 -32.51 24.65 25.65
CA MET A 29 -31.29 25.31 26.09
C MET A 29 -31.14 26.68 25.47
N ARG A 30 -31.43 26.80 24.17
CA ARG A 30 -31.34 28.09 23.50
C ARG A 30 -32.41 29.06 24.03
N ARG A 31 -33.63 28.57 24.19
CA ARG A 31 -34.68 29.41 24.79
C ARG A 31 -34.31 29.85 26.19
N SER A 32 -33.56 29.02 26.92
CA SER A 32 -33.19 29.32 28.30
C SER A 32 -32.15 30.43 28.40
N GLY A 33 -31.56 30.86 27.30
CA GLY A 33 -30.50 31.86 27.33
C GLY A 33 -29.12 31.30 27.50
N ILE A 34 -28.95 29.98 27.48
CA ILE A 34 -27.64 29.35 27.57
C ILE A 34 -27.06 29.25 26.17
N LYS A 35 -25.84 29.75 26.00
CA LYS A 35 -25.18 29.76 24.70
C LYS A 35 -24.46 28.45 24.47
N PRO A 36 -24.88 27.64 23.48
CA PRO A 36 -24.10 26.44 23.15
C PRO A 36 -22.74 26.81 22.58
N ASP A 37 -21.78 25.90 22.76
CA ASP A 37 -20.41 26.13 22.31
C ASP A 37 -19.96 24.95 21.46
N ASN A 38 -18.64 24.82 21.27
CA ASN A 38 -18.07 23.75 20.47
C ASN A 38 -18.22 22.38 21.11
N TYR A 39 -18.74 22.30 22.33
CA TYR A 39 -19.06 21.02 22.96
C TYR A 39 -20.53 20.66 22.83
N THR A 40 -21.34 21.54 22.22
CA THR A 40 -22.73 21.28 21.93
C THR A 40 -22.98 20.98 20.46
N PHE A 41 -22.35 21.74 19.57
CA PHE A 41 -22.61 21.58 18.14
C PHE A 41 -22.29 20.19 17.59
N PRO A 42 -21.17 19.54 17.93
CA PRO A 42 -20.91 18.22 17.34
C PRO A 42 -21.97 17.17 17.66
N PHE A 43 -22.54 17.20 18.86
CA PHE A 43 -23.54 16.20 19.24
C PHE A 43 -24.92 16.56 18.72
N VAL A 44 -25.21 17.85 18.61
CA VAL A 44 -26.48 18.27 18.03
C VAL A 44 -26.47 18.04 16.52
N LEU A 45 -25.34 18.31 15.87
CA LEU A 45 -25.20 18.00 14.45
C LEU A 45 -25.24 16.49 14.22
N LYS A 46 -24.66 15.72 15.14
CA LYS A 46 -24.72 14.26 15.04
C LYS A 46 -26.16 13.78 15.04
N ALA A 47 -27.03 14.41 15.84
CA ALA A 47 -28.43 14.03 15.88
C ALA A 47 -29.12 14.35 14.55
N CYS A 48 -28.73 15.44 13.91
CA CYS A 48 -29.29 15.78 12.60
C CYS A 48 -28.91 14.76 11.54
N ALA A 49 -27.63 14.36 11.51
CA ALA A 49 -27.20 13.32 10.60
C ALA A 49 -27.91 12.00 10.87
N SER A 50 -28.21 11.72 12.15
CA SER A 50 -28.94 10.51 12.49
C SER A 50 -30.34 10.52 11.87
N LEU A 51 -31.04 11.64 11.99
CA LEU A 51 -32.38 11.78 11.45
C LEU A 51 -32.39 12.23 10.00
N SER A 52 -31.23 12.51 9.41
CA SER A 52 -31.11 13.03 8.04
C SER A 52 -31.89 14.33 7.87
N SER A 53 -32.01 15.10 8.96
CA SER A 53 -32.78 16.34 8.95
C SER A 53 -31.88 17.46 8.43
N LEU A 54 -31.93 17.67 7.11
CA LEU A 54 -31.06 18.67 6.49
C LEU A 54 -31.46 20.08 6.90
N LYS A 55 -32.76 20.35 7.01
CA LYS A 55 -33.20 21.71 7.35
C LYS A 55 -32.69 22.14 8.71
N GLU A 56 -32.77 21.26 9.71
CA GLU A 56 -32.24 21.60 11.02
C GLU A 56 -30.72 21.68 11.01
N GLY A 57 -30.06 20.85 10.20
CA GLY A 57 -28.61 20.92 10.11
C GLY A 57 -28.12 22.28 9.65
N LYS A 58 -28.74 22.81 8.60
CA LYS A 58 -28.40 24.17 8.16
C LYS A 58 -28.75 25.20 9.22
N GLN A 59 -29.82 24.97 9.99
CA GLN A 59 -30.18 25.88 11.07
C GLN A 59 -29.06 25.94 12.12
N ILE A 60 -28.52 24.79 12.50
CA ILE A 60 -27.41 24.75 13.45
C ILE A 60 -26.15 25.30 12.79
N HIS A 61 -25.95 25.03 11.50
CA HIS A 61 -24.83 25.62 10.78
C HIS A 61 -24.88 27.15 10.86
N GLY A 62 -26.08 27.72 10.75
CA GLY A 62 -26.22 29.15 10.95
C GLY A 62 -25.84 29.58 12.36
N HIS A 63 -26.19 28.78 13.36
CA HIS A 63 -25.79 29.08 14.73
C HIS A 63 -24.28 29.04 14.88
N VAL A 64 -23.61 28.12 14.17
CA VAL A 64 -22.16 28.04 14.22
C VAL A 64 -21.53 29.31 13.66
N ILE A 65 -22.09 29.83 12.57
CA ILE A 65 -21.58 31.07 11.98
C ILE A 65 -21.70 32.22 12.97
N LYS A 66 -22.89 32.39 13.55
CA LYS A 66 -23.13 33.51 14.47
C LYS A 66 -22.27 33.38 15.73
N SER A 67 -22.12 32.16 16.24
CA SER A 67 -21.34 31.95 17.45
C SER A 67 -19.83 32.02 17.22
N GLY A 68 -19.39 32.09 15.97
CA GLY A 68 -17.97 32.18 15.67
C GLY A 68 -17.21 30.92 16.02
N PHE A 69 -17.70 29.78 15.55
CA PHE A 69 -17.04 28.49 15.73
C PHE A 69 -16.66 27.87 14.40
N GLU A 70 -16.44 28.70 13.39
CA GLU A 70 -16.11 28.21 12.05
C GLU A 70 -14.71 27.62 11.96
N SER A 71 -13.84 27.93 12.91
CA SER A 71 -12.47 27.43 12.91
C SER A 71 -12.29 26.21 13.79
N ASP A 72 -13.35 25.71 14.41
CA ASP A 72 -13.24 24.57 15.31
C ASP A 72 -13.25 23.26 14.51
N VAL A 73 -12.23 22.43 14.73
CA VAL A 73 -12.12 21.18 14.00
C VAL A 73 -13.27 20.24 14.33
N TYR A 74 -13.67 20.21 15.60
CA TYR A 74 -14.77 19.33 16.01
C TYR A 74 -16.08 19.78 15.40
N VAL A 75 -16.34 21.09 15.38
CA VAL A 75 -17.60 21.59 14.83
C VAL A 75 -17.63 21.41 13.31
N GLN A 76 -16.52 21.73 12.63
CA GLN A 76 -16.48 21.61 11.18
C GLN A 76 -16.61 20.15 10.73
N SER A 77 -15.89 19.25 11.40
CA SER A 77 -15.98 17.83 11.05
C SER A 77 -17.38 17.30 11.24
N ALA A 78 -18.05 17.72 12.32
CA ALA A 78 -19.45 17.35 12.51
C ALA A 78 -20.33 17.91 11.39
N LEU A 79 -19.97 19.08 10.86
CA LEU A 79 -20.71 19.64 9.73
C LEU A 79 -20.52 18.80 8.48
N ILE A 80 -19.29 18.34 8.23
CA ILE A 80 -19.04 17.46 7.09
C ILE A 80 -19.90 16.21 7.19
N ASP A 81 -19.89 15.58 8.37
CA ASP A 81 -20.68 14.36 8.56
C ASP A 81 -22.17 14.62 8.36
N MET A 82 -22.66 15.74 8.89
CA MET A 82 -24.09 16.04 8.77
C MET A 82 -24.51 16.17 7.31
N TYR A 83 -23.78 16.98 6.54
CA TYR A 83 -24.12 17.16 5.13
C TYR A 83 -23.99 15.86 4.36
N ALA A 84 -22.95 15.07 4.67
CA ALA A 84 -22.74 13.81 3.96
C ALA A 84 -23.86 12.83 4.24
N LYS A 85 -24.23 12.67 5.53
CA LYS A 85 -25.32 11.78 5.87
C LYS A 85 -26.68 12.28 5.39
N CYS A 86 -26.77 13.54 4.98
CA CYS A 86 -27.99 14.09 4.40
C CYS A 86 -27.97 14.05 2.88
N GLY A 87 -26.98 13.39 2.29
CA GLY A 87 -26.91 13.28 0.84
C GLY A 87 -26.48 14.55 0.12
N GLU A 88 -25.72 15.40 0.80
CA GLU A 88 -25.25 16.67 0.24
C GLU A 88 -23.72 16.67 0.22
N LEU A 89 -23.15 15.87 -0.69
CA LEU A 89 -21.70 15.76 -0.77
C LEU A 89 -21.06 17.08 -1.17
N GLU A 90 -21.78 17.91 -1.93
CA GLU A 90 -21.23 19.19 -2.38
C GLU A 90 -20.98 20.13 -1.21
N ASP A 91 -21.97 20.27 -0.32
CA ASP A 91 -21.80 21.11 0.85
C ASP A 91 -20.84 20.49 1.85
N ALA A 92 -20.82 19.16 1.96
CA ALA A 92 -19.83 18.50 2.80
C ALA A 92 -18.42 18.77 2.29
N ARG A 93 -18.22 18.73 0.97
CA ARG A 93 -16.91 19.03 0.41
C ARG A 93 -16.55 20.50 0.57
N LYS A 94 -17.53 21.39 0.53
CA LYS A 94 -17.25 22.81 0.72
C LYS A 94 -16.77 23.08 2.14
N VAL A 95 -17.40 22.45 3.13
CA VAL A 95 -16.92 22.56 4.51
C VAL A 95 -15.50 22.01 4.61
N PHE A 96 -15.28 20.82 4.06
CA PHE A 96 -13.98 20.17 4.15
C PHE A 96 -12.90 21.02 3.47
N ASP A 97 -13.23 21.65 2.35
CA ASP A 97 -12.21 22.39 1.60
C ASP A 97 -11.82 23.69 2.29
N GLU A 98 -12.73 24.28 3.06
CA GLU A 98 -12.50 25.58 3.68
C GLU A 98 -12.07 25.50 5.14
N MET A 99 -11.86 24.31 5.67
CA MET A 99 -11.40 24.20 7.06
C MET A 99 -9.99 24.76 7.18
N PRO A 100 -9.74 25.69 8.11
CA PRO A 100 -8.37 26.17 8.30
C PRO A 100 -7.43 25.14 8.90
N GLU A 101 -7.97 24.08 9.50
CA GLU A 101 -7.15 23.01 10.06
C GLU A 101 -8.03 21.78 10.25
N ARG A 102 -7.57 20.64 9.74
CA ARG A 102 -8.31 19.39 9.84
C ARG A 102 -7.45 18.32 10.52
N ASN A 103 -8.12 17.24 10.92
CA ASN A 103 -7.42 16.07 11.46
C ASN A 103 -7.86 14.81 10.72
N VAL A 104 -7.54 13.64 11.26
CA VAL A 104 -7.90 12.39 10.61
C VAL A 104 -9.42 12.21 10.56
N VAL A 105 -10.13 12.70 11.59
CA VAL A 105 -11.57 12.49 11.65
C VAL A 105 -12.28 13.29 10.58
N SER A 106 -11.85 14.53 10.34
CA SER A 106 -12.44 15.33 9.28
C SER A 106 -12.21 14.69 7.91
N TRP A 107 -11.00 14.16 7.69
CA TRP A 107 -10.76 13.40 6.46
C TRP A 107 -11.62 12.15 6.40
N ASN A 108 -11.75 11.45 7.52
CA ASN A 108 -12.58 10.25 7.55
C ASN A 108 -14.04 10.58 7.28
N ALA A 109 -14.51 11.72 7.79
CA ALA A 109 -15.91 12.10 7.58
C ALA A 109 -16.21 12.33 6.10
N MET A 110 -15.30 13.01 5.39
CA MET A 110 -15.50 13.23 3.96
C MET A 110 -15.35 11.93 3.17
N ILE A 111 -14.36 11.11 3.52
CA ILE A 111 -14.14 9.86 2.80
C ILE A 111 -15.30 8.91 3.00
N SER A 112 -15.82 8.82 4.23
CA SER A 112 -17.01 8.00 4.47
C SER A 112 -18.23 8.58 3.76
N GLY A 113 -18.29 9.90 3.62
CA GLY A 113 -19.42 10.49 2.92
C GLY A 113 -19.47 10.07 1.46
N TYR A 114 -18.33 10.10 0.79
CA TYR A 114 -18.26 9.65 -0.60
C TYR A 114 -18.63 8.16 -0.69
N ALA A 115 -17.92 7.32 0.07
CA ALA A 115 -18.13 5.88 -0.04
C ALA A 115 -19.56 5.46 0.27
N GLN A 116 -20.23 6.18 1.19
CA GLN A 116 -21.58 5.81 1.60
C GLN A 116 -22.66 6.27 0.61
N ASN A 117 -22.33 7.14 -0.33
CA ASN A 117 -23.29 7.67 -1.28
C ASN A 117 -22.96 7.27 -2.72
N GLY A 118 -22.61 6.00 -2.91
CA GLY A 118 -22.30 5.51 -4.24
C GLY A 118 -21.15 6.23 -4.90
N GLN A 119 -20.23 6.78 -4.13
CA GLN A 119 -19.10 7.55 -4.65
C GLN A 119 -17.80 6.92 -4.15
N SER A 120 -17.49 5.73 -4.68
CA SER A 120 -16.36 4.97 -4.17
C SER A 120 -15.02 5.50 -4.67
N GLU A 121 -14.96 6.04 -5.89
CA GLU A 121 -13.66 6.45 -6.40
C GLU A 121 -13.20 7.78 -5.80
N GLU A 122 -14.08 8.78 -5.73
CA GLU A 122 -13.70 10.03 -5.07
C GLU A 122 -13.25 9.77 -3.64
N ALA A 123 -13.79 8.72 -3.01
CA ALA A 123 -13.29 8.32 -1.68
C ALA A 123 -11.84 7.84 -1.75
N LEU A 124 -11.55 6.92 -2.67
CA LEU A 124 -10.18 6.44 -2.82
C LEU A 124 -9.23 7.55 -3.28
N GLU A 125 -9.73 8.47 -4.11
CA GLU A 125 -8.90 9.59 -4.54
C GLU A 125 -8.54 10.50 -3.37
N LEU A 126 -9.51 10.78 -2.49
CA LEU A 126 -9.23 11.59 -1.31
C LEU A 126 -8.30 10.85 -0.36
N PHE A 127 -8.46 9.53 -0.25
CA PHE A 127 -7.58 8.72 0.60
C PHE A 127 -6.14 8.78 0.08
N ARG A 128 -5.96 8.83 -1.23
CA ARG A 128 -4.62 8.94 -1.79
C ARG A 128 -4.03 10.32 -1.53
N GLU A 129 -4.86 11.37 -1.62
CA GLU A 129 -4.41 12.70 -1.21
C GLU A 129 -4.00 12.72 0.26
N MET A 130 -4.63 11.88 1.08
CA MET A 130 -4.34 11.86 2.51
C MET A 130 -2.92 11.37 2.77
N GLN A 131 -2.42 10.43 1.97
CA GLN A 131 -1.02 10.01 2.10
C GLN A 131 -0.07 11.12 1.70
N GLN A 132 -0.38 11.83 0.62
CA GLN A 132 0.48 12.90 0.14
C GLN A 132 0.62 14.03 1.15
N GLU A 133 -0.33 14.14 2.08
CA GLU A 133 -0.24 15.12 3.16
C GLU A 133 0.29 14.52 4.46
N GLY A 134 0.70 13.25 4.45
CA GLY A 134 1.27 12.64 5.63
C GLY A 134 0.30 12.43 6.77
N ILE A 135 -0.99 12.37 6.50
CA ILE A 135 -1.99 12.17 7.54
C ILE A 135 -2.03 10.68 7.89
N LYS A 136 -1.84 10.38 9.17
CA LYS A 136 -1.90 8.98 9.60
C LYS A 136 -3.35 8.50 9.58
N PRO A 137 -3.63 7.36 8.97
CA PRO A 137 -5.01 6.85 8.98
C PRO A 137 -5.36 6.25 10.33
N SER A 138 -6.65 6.05 10.53
CA SER A 138 -7.19 5.41 11.71
C SER A 138 -8.01 4.19 11.30
N GLU A 139 -8.54 3.47 12.30
CA GLU A 139 -9.38 2.31 12.00
C GLU A 139 -10.59 2.70 11.16
N PHE A 140 -11.13 3.92 11.38
CA PHE A 140 -12.26 4.38 10.60
C PHE A 140 -11.89 4.56 9.13
N THR A 141 -10.72 5.16 8.87
CA THR A 141 -10.26 5.35 7.51
C THR A 141 -10.18 4.03 6.76
N PHE A 142 -9.40 3.09 7.30
CA PHE A 142 -9.21 1.80 6.63
C PHE A 142 -10.52 1.07 6.46
N CYS A 143 -11.43 1.19 7.42
CA CYS A 143 -12.73 0.55 7.30
C CYS A 143 -13.55 1.19 6.18
N SER A 144 -13.42 2.50 5.99
CA SER A 144 -14.20 3.20 4.98
C SER A 144 -13.66 2.95 3.57
N VAL A 145 -12.34 2.99 3.40
CA VAL A 145 -11.77 2.81 2.06
C VAL A 145 -11.85 1.35 1.64
N LEU A 146 -11.89 0.42 2.60
CA LEU A 146 -12.10 -0.97 2.26
C LEU A 146 -13.51 -1.20 1.74
N SER A 147 -14.48 -0.44 2.25
CA SER A 147 -15.84 -0.52 1.72
C SER A 147 -15.92 0.04 0.31
N ALA A 148 -15.09 1.04 -0.01
CA ALA A 148 -15.03 1.55 -1.37
C ALA A 148 -14.39 0.52 -2.31
N CYS A 149 -13.32 -0.12 -1.86
CA CYS A 149 -12.70 -1.18 -2.66
C CYS A 149 -13.67 -2.31 -2.93
N ALA A 150 -14.44 -2.70 -1.91
CA ALA A 150 -15.42 -3.78 -2.09
C ALA A 150 -16.47 -3.40 -3.13
N SER A 151 -16.87 -2.13 -3.17
CA SER A 151 -17.87 -1.71 -4.15
C SER A 151 -17.29 -1.61 -5.55
N LEU A 152 -16.01 -1.25 -5.67
CA LEU A 152 -15.37 -1.13 -6.97
C LEU A 152 -14.80 -2.44 -7.49
N GLY A 153 -14.44 -3.35 -6.58
CA GLY A 153 -13.90 -4.63 -6.98
C GLY A 153 -12.42 -4.64 -7.27
N SER A 154 -11.71 -3.56 -7.00
CA SER A 154 -10.27 -3.48 -7.25
C SER A 154 -9.55 -4.30 -6.18
N LEU A 155 -9.18 -5.54 -6.53
CA LEU A 155 -8.52 -6.42 -5.56
C LEU A 155 -7.11 -5.93 -5.24
N GLU A 156 -6.39 -5.43 -6.24
CA GLU A 156 -5.02 -4.97 -6.01
C GLU A 156 -5.00 -3.73 -5.13
N MET A 157 -6.00 -2.86 -5.24
CA MET A 157 -6.14 -1.75 -4.31
C MET A 157 -6.38 -2.25 -2.90
N GLY A 158 -7.31 -3.20 -2.74
CA GLY A 158 -7.61 -3.72 -1.43
C GLY A 158 -6.47 -4.52 -0.83
N LYS A 159 -5.73 -5.23 -1.68
CA LYS A 159 -4.53 -5.92 -1.21
C LYS A 159 -3.54 -4.93 -0.59
N GLN A 160 -3.39 -3.76 -1.22
CA GLN A 160 -2.54 -2.73 -0.65
C GLN A 160 -3.10 -2.22 0.68
N ILE A 161 -4.42 -2.01 0.73
CA ILE A 161 -5.04 -1.50 1.96
C ILE A 161 -4.92 -2.53 3.08
N HIS A 162 -5.14 -3.81 2.77
CA HIS A 162 -4.93 -4.86 3.77
C HIS A 162 -3.52 -4.82 4.32
N GLY A 163 -2.53 -4.64 3.44
CA GLY A 163 -1.15 -4.51 3.92
C GLY A 163 -0.95 -3.26 4.76
N TYR A 164 -1.50 -2.13 4.32
CA TYR A 164 -1.43 -0.90 5.12
C TYR A 164 -2.10 -1.09 6.47
N VAL A 165 -3.19 -1.85 6.51
CA VAL A 165 -3.88 -2.10 7.77
C VAL A 165 -2.95 -2.81 8.75
N ILE A 166 -2.28 -3.86 8.29
CA ILE A 166 -1.39 -4.63 9.15
C ILE A 166 -0.23 -3.76 9.63
N LYS A 167 0.37 -3.01 8.71
CA LYS A 167 1.48 -2.14 9.08
C LYS A 167 1.06 -1.06 10.06
N SER A 168 -0.21 -0.65 10.01
CA SER A 168 -0.72 0.36 10.92
C SER A 168 -1.21 -0.21 12.25
N GLY A 169 -1.22 -1.53 12.40
CA GLY A 169 -1.62 -2.15 13.65
C GLY A 169 -3.11 -2.13 13.91
N PHE A 170 -3.93 -2.41 12.89
CA PHE A 170 -5.37 -2.38 13.03
C PHE A 170 -6.03 -3.71 12.62
N GLU A 171 -5.26 -4.78 12.49
CA GLU A 171 -5.82 -6.03 11.98
C GLU A 171 -6.75 -6.70 12.97
N SER A 172 -6.68 -6.35 14.25
CA SER A 172 -7.56 -6.93 15.26
C SER A 172 -8.81 -6.10 15.52
N ILE A 173 -9.00 -4.99 14.81
CA ILE A 173 -10.23 -4.24 14.91
C ILE A 173 -11.33 -5.00 14.18
N VAL A 174 -12.44 -5.25 14.89
CA VAL A 174 -13.50 -6.08 14.33
C VAL A 174 -14.14 -5.41 13.12
N PHE A 175 -14.20 -4.08 13.12
CA PHE A 175 -14.76 -3.36 11.96
C PHE A 175 -13.84 -3.51 10.75
N VAL A 176 -12.54 -3.33 10.95
CA VAL A 176 -11.58 -3.44 9.85
C VAL A 176 -11.58 -4.86 9.28
N GLY A 177 -11.57 -5.86 10.16
CA GLY A 177 -11.60 -7.24 9.69
C GLY A 177 -12.88 -7.57 8.95
N ASN A 178 -14.02 -7.08 9.44
CA ASN A 178 -15.28 -7.30 8.75
C ASN A 178 -15.25 -6.70 7.35
N ALA A 179 -14.62 -5.53 7.21
CA ALA A 179 -14.48 -4.93 5.89
C ALA A 179 -13.59 -5.76 4.99
N LEU A 180 -12.54 -6.38 5.55
CA LEU A 180 -11.65 -7.21 4.75
C LEU A 180 -12.37 -8.45 4.23
N ILE A 181 -13.24 -9.04 5.05
CA ILE A 181 -14.01 -10.20 4.61
C ILE A 181 -14.92 -9.81 3.44
N ASP A 182 -15.66 -8.72 3.59
CA ASP A 182 -16.57 -8.28 2.54
C ASP A 182 -15.81 -7.86 1.29
N MET A 183 -14.66 -7.20 1.46
CA MET A 183 -13.88 -6.76 0.31
C MET A 183 -13.36 -7.95 -0.48
N TYR A 184 -12.75 -8.92 0.21
CA TYR A 184 -12.12 -10.04 -0.48
C TYR A 184 -13.15 -10.87 -1.24
N ALA A 185 -14.32 -11.08 -0.64
CA ALA A 185 -15.38 -11.83 -1.32
C ALA A 185 -15.86 -11.07 -2.56
N LYS A 186 -16.13 -9.77 -2.42
CA LYS A 186 -16.62 -8.97 -3.52
C LYS A 186 -15.57 -8.74 -4.60
N CYS A 187 -14.31 -9.09 -4.34
CA CYS A 187 -13.24 -8.93 -5.32
C CYS A 187 -12.82 -10.26 -5.95
N GLY A 188 -13.40 -11.38 -5.51
CA GLY A 188 -13.17 -12.66 -6.15
C GLY A 188 -12.19 -13.58 -5.46
N SER A 189 -11.84 -13.32 -4.19
CA SER A 189 -10.91 -14.15 -3.44
C SER A 189 -11.63 -14.64 -2.18
N ILE A 190 -12.51 -15.62 -2.36
CA ILE A 190 -13.26 -16.19 -1.23
C ILE A 190 -12.31 -16.84 -0.24
N GLU A 191 -11.14 -17.28 -0.70
CA GLU A 191 -10.17 -17.93 0.18
C GLU A 191 -9.50 -16.92 1.11
N ASP A 192 -9.10 -15.77 0.57
CA ASP A 192 -8.54 -14.73 1.42
C ASP A 192 -9.57 -14.20 2.41
N ALA A 193 -10.85 -14.20 2.02
CA ALA A 193 -11.91 -13.80 2.95
C ALA A 193 -12.02 -14.79 4.11
N ARG A 194 -11.97 -16.09 3.80
CA ARG A 194 -12.03 -17.09 4.86
C ARG A 194 -10.83 -17.02 5.77
N LYS A 195 -9.65 -16.68 5.23
CA LYS A 195 -8.46 -16.57 6.06
C LYS A 195 -8.60 -15.46 7.09
N VAL A 196 -9.08 -14.28 6.66
CA VAL A 196 -9.34 -13.20 7.60
C VAL A 196 -10.40 -13.63 8.61
N PHE A 197 -11.45 -14.29 8.14
CA PHE A 197 -12.52 -14.73 9.03
C PHE A 197 -12.01 -15.74 10.06
N ASP A 198 -11.17 -16.68 9.63
CA ASP A 198 -10.68 -17.71 10.54
C ASP A 198 -9.70 -17.14 11.56
N GLU A 199 -8.81 -16.25 11.12
CA GLU A 199 -7.80 -15.67 12.01
C GLU A 199 -8.37 -14.59 12.93
N MET A 200 -9.66 -14.31 12.84
CA MET A 200 -10.24 -13.22 13.61
C MET A 200 -10.24 -13.54 15.10
N PRO A 201 -9.98 -12.55 15.96
CA PRO A 201 -10.09 -12.78 17.40
C PRO A 201 -11.51 -12.54 17.93
N GLU A 202 -12.24 -11.65 17.27
CA GLU A 202 -13.61 -11.33 17.66
C GLU A 202 -14.48 -11.24 16.42
N ARG A 203 -15.66 -11.87 16.48
CA ARG A 203 -16.57 -11.95 15.33
C ARG A 203 -17.98 -11.61 15.78
N THR A 204 -18.54 -10.56 15.20
CA THR A 204 -19.93 -10.20 15.43
C THR A 204 -20.82 -10.93 14.43
N VAL A 205 -22.11 -10.59 14.40
CA VAL A 205 -22.99 -11.17 13.40
C VAL A 205 -22.64 -10.64 12.01
N VAL A 206 -22.06 -9.43 11.94
CA VAL A 206 -21.61 -8.90 10.66
C VAL A 206 -20.49 -9.76 10.10
N SER A 207 -19.64 -10.30 10.98
CA SER A 207 -18.56 -11.17 10.53
C SER A 207 -19.11 -12.44 9.90
N TRP A 208 -20.04 -13.11 10.60
CA TRP A 208 -20.61 -14.34 10.07
C TRP A 208 -21.42 -14.08 8.81
N THR A 209 -22.13 -12.95 8.76
CA THR A 209 -22.96 -12.65 7.60
C THR A 209 -22.12 -12.35 6.38
N ALA A 210 -21.07 -11.54 6.53
CA ALA A 210 -20.22 -11.19 5.39
C ALA A 210 -19.55 -12.41 4.81
N MET A 211 -19.16 -13.36 5.66
CA MET A 211 -18.57 -14.61 5.15
C MET A 211 -19.61 -15.47 4.45
N ILE A 212 -20.81 -15.57 5.02
CA ILE A 212 -21.84 -16.41 4.44
C ILE A 212 -22.34 -15.83 3.12
N SER A 213 -22.52 -14.50 3.07
CA SER A 213 -22.92 -13.86 1.82
C SER A 213 -21.87 -14.09 0.74
N GLY A 214 -20.59 -14.00 1.10
CA GLY A 214 -19.53 -14.23 0.13
C GLY A 214 -19.54 -15.65 -0.43
N TYR A 215 -19.95 -16.62 0.38
CA TYR A 215 -20.03 -18.00 -0.09
C TYR A 215 -21.25 -18.21 -0.97
N ALA A 216 -22.43 -17.78 -0.51
CA ALA A 216 -23.65 -18.01 -1.27
C ALA A 216 -23.63 -17.28 -2.60
N GLN A 217 -23.04 -16.09 -2.63
CA GLN A 217 -22.92 -15.35 -3.89
C GLN A 217 -21.91 -15.98 -4.83
N ASN A 218 -20.98 -16.77 -4.31
CA ASN A 218 -19.94 -17.42 -5.11
C ASN A 218 -20.30 -18.85 -5.48
N GLY A 219 -21.55 -19.26 -5.25
CA GLY A 219 -22.00 -20.59 -5.59
C GLY A 219 -21.86 -21.62 -4.48
N GLN A 220 -20.90 -21.43 -3.58
CA GLN A 220 -20.70 -22.36 -2.46
C GLN A 220 -21.86 -22.22 -1.49
N SER A 221 -22.98 -22.86 -1.84
CA SER A 221 -24.18 -22.77 -1.02
C SER A 221 -24.17 -23.77 0.13
N GLU A 222 -23.56 -24.94 -0.08
CA GLU A 222 -23.42 -25.90 1.00
C GLU A 222 -22.58 -25.36 2.14
N GLU A 223 -21.62 -24.49 1.84
CA GLU A 223 -20.71 -23.96 2.85
C GLU A 223 -21.33 -22.79 3.59
N ALA A 224 -22.06 -21.92 2.87
CA ALA A 224 -22.79 -20.86 3.53
C ALA A 224 -23.83 -21.44 4.50
N LEU A 225 -24.43 -22.57 4.13
CA LEU A 225 -25.37 -23.23 5.04
C LEU A 225 -24.65 -23.82 6.24
N GLU A 226 -23.47 -24.43 6.01
CA GLU A 226 -22.71 -25.00 7.12
C GLU A 226 -22.27 -23.92 8.10
N LEU A 227 -21.86 -22.76 7.59
CA LEU A 227 -21.48 -21.66 8.47
C LEU A 227 -22.69 -21.09 9.21
N PHE A 228 -23.88 -21.18 8.60
CA PHE A 228 -25.09 -20.75 9.29
C PHE A 228 -25.38 -21.65 10.51
N ARG A 229 -25.18 -22.96 10.35
CA ARG A 229 -25.35 -23.86 11.48
C ARG A 229 -24.24 -23.66 12.51
N GLU A 230 -22.99 -23.50 12.04
CA GLU A 230 -21.89 -23.23 12.97
C GLU A 230 -22.08 -21.91 13.69
N MET A 231 -22.70 -20.92 13.04
CA MET A 231 -22.96 -19.65 13.70
C MET A 231 -23.93 -19.83 14.86
N GLN A 232 -25.00 -20.60 14.64
CA GLN A 232 -25.93 -20.89 15.73
C GLN A 232 -25.29 -21.79 16.78
N ARG A 233 -24.36 -22.65 16.38
CA ARG A 233 -23.66 -23.51 17.34
C ARG A 233 -22.82 -22.68 18.30
N GLU A 234 -22.26 -21.57 17.83
CA GLU A 234 -21.48 -20.67 18.67
C GLU A 234 -22.34 -19.64 19.39
N GLY A 235 -23.66 -19.71 19.26
CA GLY A 235 -24.53 -18.82 19.98
C GLY A 235 -24.68 -17.44 19.40
N VAL A 236 -24.40 -17.26 18.11
CA VAL A 236 -24.59 -15.98 17.44
C VAL A 236 -25.98 -15.96 16.83
N LYS A 237 -26.73 -14.88 17.08
CA LYS A 237 -28.11 -14.79 16.64
C LYS A 237 -28.20 -14.02 15.34
N PRO A 238 -28.73 -14.62 14.27
CA PRO A 238 -28.84 -13.90 13.00
C PRO A 238 -29.83 -12.73 13.10
N ASP A 239 -29.44 -11.60 12.51
CA ASP A 239 -30.34 -10.45 12.41
C ASP A 239 -31.18 -10.60 11.15
N GLU A 240 -31.77 -9.50 10.68
CA GLU A 240 -32.58 -9.53 9.47
C GLU A 240 -31.76 -9.54 8.19
N VAL A 241 -30.45 -9.31 8.28
CA VAL A 241 -29.59 -9.32 7.10
C VAL A 241 -28.96 -10.70 6.85
N THR A 242 -28.89 -11.55 7.87
CA THR A 242 -28.26 -12.85 7.71
C THR A 242 -29.09 -13.79 6.86
N LEU A 243 -30.42 -13.80 7.06
CA LEU A 243 -31.29 -14.76 6.43
C LEU A 243 -31.43 -14.62 4.91
N PRO A 244 -31.50 -13.40 4.35
CA PRO A 244 -31.58 -13.30 2.88
C PRO A 244 -30.49 -14.06 2.14
N SER A 245 -29.23 -13.91 2.56
CA SER A 245 -28.15 -14.67 1.94
C SER A 245 -28.26 -16.16 2.25
N VAL A 246 -28.78 -16.50 3.43
CA VAL A 246 -28.93 -17.92 3.78
C VAL A 246 -30.04 -18.55 2.95
N LEU A 247 -31.16 -17.85 2.79
CA LEU A 247 -32.26 -18.38 1.98
C LEU A 247 -31.83 -18.50 0.53
N SER A 248 -31.00 -17.58 0.03
CA SER A 248 -30.51 -17.67 -1.33
C SER A 248 -29.67 -18.93 -1.53
N ALA A 249 -29.01 -19.41 -0.47
CA ALA A 249 -28.29 -20.68 -0.56
C ALA A 249 -29.24 -21.87 -0.49
N CYS A 250 -30.34 -21.74 0.27
CA CYS A 250 -31.34 -22.80 0.29
C CYS A 250 -32.01 -22.95 -1.06
N ALA A 251 -32.27 -21.83 -1.73
CA ALA A 251 -32.89 -21.88 -3.06
C ALA A 251 -31.97 -22.58 -4.07
N ASN A 252 -30.66 -22.33 -3.96
CA ASN A 252 -29.72 -22.96 -4.88
C ASN A 252 -29.61 -24.46 -4.64
N LEU A 253 -29.86 -24.90 -3.41
CA LEU A 253 -29.72 -26.31 -3.05
C LEU A 253 -31.04 -27.06 -3.06
N GLY A 254 -32.14 -26.42 -3.44
CA GLY A 254 -33.43 -27.06 -3.36
C GLY A 254 -33.83 -27.48 -1.96
N ALA A 255 -33.26 -26.83 -0.94
CA ALA A 255 -33.49 -27.19 0.45
C ALA A 255 -34.83 -26.60 0.91
N LEU A 256 -35.91 -27.22 0.43
CA LEU A 256 -37.25 -26.79 0.81
C LEU A 256 -37.44 -26.90 2.32
N GLU A 257 -36.99 -28.00 2.91
CA GLU A 257 -37.13 -28.15 4.35
C GLU A 257 -36.37 -27.06 5.09
N GLN A 258 -35.07 -26.96 4.86
CA GLN A 258 -34.25 -25.91 5.48
C GLN A 258 -34.93 -24.56 5.36
N GLY A 259 -35.31 -24.18 4.13
CA GLY A 259 -35.96 -22.89 3.93
C GLY A 259 -37.24 -22.73 4.72
N LYS A 260 -37.97 -23.82 4.96
CA LYS A 260 -39.14 -23.74 5.81
C LYS A 260 -38.76 -23.40 7.25
N GLN A 261 -37.67 -24.00 7.74
CA GLN A 261 -37.19 -23.69 9.09
C GLN A 261 -36.88 -22.22 9.25
N ILE A 262 -36.15 -21.64 8.29
CA ILE A 262 -35.82 -20.21 8.36
C ILE A 262 -37.09 -19.37 8.37
N HIS A 263 -38.10 -19.78 7.58
CA HIS A 263 -39.37 -19.04 7.58
C HIS A 263 -40.00 -19.03 8.96
N ALA A 264 -39.92 -20.15 9.68
CA ALA A 264 -40.40 -20.18 11.07
C ALA A 264 -39.60 -19.21 11.94
N TYR A 265 -38.28 -19.20 11.76
CA TYR A 265 -37.44 -18.21 12.45
C TYR A 265 -37.85 -16.80 12.08
N VAL A 266 -38.12 -16.56 10.80
CA VAL A 266 -38.51 -15.22 10.35
C VAL A 266 -39.79 -14.77 11.04
N ILE A 267 -40.74 -15.70 11.23
CA ILE A 267 -41.99 -15.36 11.89
C ILE A 267 -41.76 -15.09 13.37
N LYS A 268 -40.98 -15.95 14.03
CA LYS A 268 -40.79 -15.84 15.47
C LYS A 268 -40.02 -14.58 15.85
N SER A 269 -39.08 -14.15 15.01
CA SER A 269 -38.19 -13.05 15.33
C SER A 269 -38.65 -11.71 14.74
N GLY A 270 -39.86 -11.64 14.20
CA GLY A 270 -40.40 -10.38 13.73
C GLY A 270 -39.80 -9.86 12.45
N PHE A 271 -39.03 -10.67 11.73
CA PHE A 271 -38.46 -10.26 10.46
C PHE A 271 -39.41 -10.47 9.28
N GLU A 272 -40.68 -10.77 9.56
CA GLU A 272 -41.63 -11.12 8.51
C GLU A 272 -41.91 -9.96 7.56
N SER A 273 -41.64 -8.72 7.98
CA SER A 273 -42.01 -7.55 7.21
C SER A 273 -40.85 -6.92 6.46
N ASP A 274 -39.70 -7.61 6.38
CA ASP A 274 -38.54 -7.07 5.69
C ASP A 274 -38.57 -7.45 4.22
N VAL A 275 -38.24 -6.48 3.36
CA VAL A 275 -38.31 -6.70 1.92
C VAL A 275 -37.29 -7.77 1.50
N PHE A 276 -36.06 -7.65 1.98
CA PHE A 276 -35.02 -8.62 1.63
C PHE A 276 -35.41 -10.02 2.06
N VAL A 277 -36.01 -10.16 3.25
CA VAL A 277 -36.43 -11.47 3.73
C VAL A 277 -37.58 -12.00 2.90
N GLY A 278 -38.52 -11.12 2.53
CA GLY A 278 -39.64 -11.55 1.71
C GLY A 278 -39.19 -11.94 0.31
N SER A 279 -38.33 -11.13 -0.30
CA SER A 279 -37.82 -11.45 -1.64
C SER A 279 -37.04 -12.75 -1.62
N ALA A 280 -36.26 -12.98 -0.57
CA ALA A 280 -35.53 -14.23 -0.45
C ALA A 280 -36.45 -15.40 -0.17
N LEU A 281 -37.62 -15.14 0.44
CA LEU A 281 -38.56 -16.22 0.74
C LEU A 281 -39.30 -16.68 -0.51
N ILE A 282 -39.77 -15.76 -1.33
CA ILE A 282 -40.47 -16.14 -2.56
C ILE A 282 -39.51 -16.81 -3.53
N ASP A 283 -38.26 -16.34 -3.57
CA ASP A 283 -37.26 -17.00 -4.41
C ASP A 283 -36.97 -18.40 -3.90
N MET A 284 -36.86 -18.57 -2.57
CA MET A 284 -36.57 -19.88 -2.01
C MET A 284 -37.69 -20.86 -2.34
N TYR A 285 -38.94 -20.49 -2.08
CA TYR A 285 -40.06 -21.38 -2.32
C TYR A 285 -40.18 -21.75 -3.79
N ALA A 286 -39.96 -20.79 -4.69
CA ALA A 286 -40.09 -21.05 -6.11
C ALA A 286 -39.06 -22.05 -6.60
N LYS A 287 -37.78 -21.79 -6.29
CA LYS A 287 -36.71 -22.68 -6.73
C LYS A 287 -36.76 -24.03 -6.04
N CYS A 288 -37.61 -24.21 -5.04
CA CYS A 288 -37.75 -25.48 -4.33
C CYS A 288 -39.00 -26.26 -4.75
N GLY A 289 -39.81 -25.70 -5.66
CA GLY A 289 -40.97 -26.41 -6.15
C GLY A 289 -42.25 -26.14 -5.39
N SER A 290 -42.47 -24.87 -5.01
CA SER A 290 -43.68 -24.50 -4.29
C SER A 290 -44.05 -23.08 -4.73
N ILE A 291 -44.70 -22.98 -5.90
CA ILE A 291 -45.15 -21.68 -6.38
C ILE A 291 -46.30 -21.16 -5.53
N GLU A 292 -47.04 -22.06 -4.88
CA GLU A 292 -48.17 -21.65 -4.05
C GLU A 292 -47.68 -20.90 -2.81
N ASP A 293 -46.71 -21.48 -2.10
CA ASP A 293 -46.16 -20.81 -0.92
C ASP A 293 -45.43 -19.53 -1.30
N ALA A 294 -44.78 -19.51 -2.48
CA ALA A 294 -44.12 -18.29 -2.93
C ALA A 294 -45.13 -17.17 -3.14
N ARG A 295 -46.28 -17.49 -3.74
CA ARG A 295 -47.31 -16.47 -3.94
C ARG A 295 -47.85 -15.98 -2.61
N LYS A 296 -47.99 -16.87 -1.63
CA LYS A 296 -48.51 -16.48 -0.33
C LYS A 296 -47.61 -15.44 0.34
N VAL A 297 -46.30 -15.62 0.24
CA VAL A 297 -45.37 -14.66 0.83
C VAL A 297 -45.46 -13.32 0.11
N PHE A 298 -45.58 -13.35 -1.22
CA PHE A 298 -45.70 -12.11 -1.99
C PHE A 298 -46.97 -11.36 -1.63
N ASP A 299 -48.06 -12.08 -1.37
CA ASP A 299 -49.32 -11.44 -1.02
C ASP A 299 -49.25 -10.75 0.33
N LYS A 300 -48.81 -11.48 1.36
CA LYS A 300 -48.76 -10.95 2.72
C LYS A 300 -47.72 -9.84 2.89
N MET A 301 -46.86 -9.62 1.91
CA MET A 301 -45.76 -8.66 2.04
C MET A 301 -46.31 -7.26 2.29
N PRO A 302 -45.98 -6.62 3.43
CA PRO A 302 -46.48 -5.26 3.67
C PRO A 302 -45.90 -4.23 2.72
N GLU A 303 -44.65 -4.40 2.28
CA GLU A 303 -44.04 -3.48 1.33
C GLU A 303 -43.18 -4.27 0.36
N ARG A 304 -43.13 -3.81 -0.88
CA ARG A 304 -42.44 -4.50 -1.96
C ARG A 304 -41.63 -3.51 -2.78
N ASP A 305 -40.38 -3.86 -3.07
CA ASP A 305 -39.56 -3.11 -4.01
C ASP A 305 -39.58 -3.83 -5.35
N VAL A 306 -38.74 -3.37 -6.28
CA VAL A 306 -38.71 -3.99 -7.60
C VAL A 306 -38.13 -5.41 -7.53
N VAL A 307 -37.34 -5.71 -6.51
CA VAL A 307 -36.77 -7.06 -6.40
C VAL A 307 -37.85 -8.05 -5.98
N SER A 308 -38.75 -7.63 -5.09
CA SER A 308 -39.85 -8.49 -4.68
C SER A 308 -40.75 -8.82 -5.86
N TRP A 309 -40.96 -7.84 -6.74
CA TRP A 309 -41.75 -8.10 -7.96
C TRP A 309 -40.96 -8.97 -8.93
N ASN A 310 -39.68 -8.66 -9.13
CA ASN A 310 -38.86 -9.47 -10.03
C ASN A 310 -38.74 -10.91 -9.55
N ALA A 311 -38.72 -11.12 -8.23
CA ALA A 311 -38.61 -12.48 -7.72
C ALA A 311 -39.87 -13.29 -8.00
N MET A 312 -41.05 -12.67 -7.82
CA MET A 312 -42.29 -13.39 -8.10
C MET A 312 -42.51 -13.55 -9.60
N ILE A 313 -42.06 -12.60 -10.41
CA ILE A 313 -42.13 -12.76 -11.86
C ILE A 313 -41.25 -13.92 -12.31
N ALA A 314 -40.03 -13.99 -11.77
CA ALA A 314 -39.16 -15.12 -12.05
C ALA A 314 -39.72 -16.41 -11.46
N ALA A 315 -40.49 -16.30 -10.37
CA ALA A 315 -41.11 -17.48 -9.78
C ALA A 315 -42.12 -18.09 -10.75
N TYR A 316 -43.00 -17.27 -11.32
CA TYR A 316 -43.95 -17.77 -12.31
C TYR A 316 -43.24 -18.26 -13.56
N ALA A 317 -42.19 -17.54 -14.00
CA ALA A 317 -41.47 -17.91 -15.21
C ALA A 317 -40.86 -19.31 -15.07
N GLN A 318 -40.19 -19.57 -13.95
CA GLN A 318 -39.57 -20.86 -13.72
C GLN A 318 -40.59 -21.99 -13.62
N HIS A 319 -41.83 -21.68 -13.23
CA HIS A 319 -42.87 -22.69 -13.07
C HIS A 319 -43.79 -22.77 -14.30
N GLY A 320 -43.42 -22.15 -15.41
CA GLY A 320 -44.17 -22.27 -16.63
C GLY A 320 -45.45 -21.46 -16.70
N HIS A 321 -45.79 -20.71 -15.64
CA HIS A 321 -46.99 -19.87 -15.63
C HIS A 321 -46.70 -18.56 -16.36
N GLY A 322 -46.57 -18.67 -17.68
CA GLY A 322 -46.19 -17.51 -18.48
C GLY A 322 -47.22 -16.40 -18.42
N LYS A 323 -48.49 -16.76 -18.57
CA LYS A 323 -49.55 -15.75 -18.52
C LYS A 323 -49.56 -15.02 -17.19
N GLU A 324 -49.49 -15.78 -16.08
CA GLU A 324 -49.52 -15.18 -14.75
C GLU A 324 -48.33 -14.26 -14.54
N ALA A 325 -47.17 -14.61 -15.10
CA ALA A 325 -46.01 -13.72 -15.02
C ALA A 325 -46.25 -12.43 -15.77
N LEU A 326 -47.02 -12.47 -16.86
CA LEU A 326 -47.28 -11.28 -17.64
C LEU A 326 -48.34 -10.39 -17.00
N GLN A 327 -49.31 -10.98 -16.29
CA GLN A 327 -50.23 -10.16 -15.50
C GLN A 327 -49.48 -9.41 -14.41
N LEU A 328 -48.51 -10.08 -13.77
CA LEU A 328 -47.77 -9.44 -12.69
C LEU A 328 -46.93 -8.27 -13.21
N PHE A 329 -46.37 -8.40 -14.41
CA PHE A 329 -45.59 -7.30 -14.98
C PHE A 329 -46.48 -6.09 -15.27
N GLN A 330 -47.75 -6.32 -15.58
CA GLN A 330 -48.65 -5.20 -15.84
C GLN A 330 -49.08 -4.50 -14.55
N GLN A 331 -49.38 -5.28 -13.50
CA GLN A 331 -49.68 -4.66 -12.21
C GLN A 331 -48.47 -3.95 -11.63
N MET A 332 -47.26 -4.44 -11.93
CA MET A 332 -46.05 -3.72 -11.57
C MET A 332 -46.08 -2.29 -12.11
N GLN A 333 -46.38 -2.15 -13.40
CA GLN A 333 -46.42 -0.82 -14.02
C GLN A 333 -47.58 0.00 -13.50
N GLN A 334 -48.71 -0.65 -13.20
CA GLN A 334 -49.85 0.09 -12.68
C GLN A 334 -49.58 0.59 -11.27
N GLU A 335 -48.88 -0.21 -10.46
CA GLU A 335 -48.52 0.18 -9.10
C GLU A 335 -47.28 1.07 -9.05
N GLY A 336 -46.83 1.58 -10.19
CA GLY A 336 -45.72 2.52 -10.23
C GLY A 336 -44.39 1.93 -9.82
N VAL A 337 -44.05 0.76 -10.36
CA VAL A 337 -42.76 0.12 -10.13
C VAL A 337 -42.10 -0.06 -11.50
N LYS A 338 -41.02 0.68 -11.72
CA LYS A 338 -40.34 0.61 -13.00
C LYS A 338 -39.63 -0.74 -13.16
N PRO A 339 -39.59 -1.27 -14.39
CA PRO A 339 -38.92 -2.55 -14.61
C PRO A 339 -37.43 -2.40 -14.85
N SER A 340 -36.66 -3.32 -14.27
CA SER A 340 -35.22 -3.37 -14.43
C SER A 340 -34.86 -4.35 -15.55
N GLU A 341 -33.56 -4.48 -15.81
CA GLU A 341 -33.10 -5.50 -16.75
C GLU A 341 -33.40 -6.91 -16.24
N VAL A 342 -33.37 -7.10 -14.92
CA VAL A 342 -33.71 -8.40 -14.36
C VAL A 342 -35.18 -8.72 -14.58
N THR A 343 -36.04 -7.69 -14.58
CA THR A 343 -37.45 -7.91 -14.87
C THR A 343 -37.64 -8.49 -16.26
N PHE A 344 -36.96 -7.90 -17.25
CA PHE A 344 -37.18 -8.30 -18.64
C PHE A 344 -36.56 -9.65 -18.95
N THR A 345 -35.48 -10.03 -18.25
CA THR A 345 -34.95 -11.37 -18.41
C THR A 345 -35.94 -12.42 -17.93
N SER A 346 -36.73 -12.09 -16.89
CA SER A 346 -37.66 -13.05 -16.32
C SER A 346 -38.92 -13.18 -17.16
N ILE A 347 -39.48 -12.06 -17.63
CA ILE A 347 -40.69 -12.17 -18.44
C ILE A 347 -40.36 -12.75 -19.82
N LEU A 348 -39.15 -12.51 -20.33
CA LEU A 348 -38.75 -13.14 -21.58
C LEU A 348 -38.55 -14.63 -21.40
N SER A 349 -37.98 -15.03 -20.26
CA SER A 349 -37.87 -16.46 -19.95
C SER A 349 -39.24 -17.09 -19.76
N ALA A 350 -40.20 -16.34 -19.20
CA ALA A 350 -41.55 -16.86 -19.04
C ALA A 350 -42.19 -17.14 -20.40
N CYS A 351 -42.08 -16.19 -21.32
CA CYS A 351 -42.63 -16.38 -22.66
C CYS A 351 -41.97 -17.56 -23.37
N SER A 352 -40.69 -17.81 -23.09
CA SER A 352 -39.99 -18.92 -23.74
C SER A 352 -40.55 -20.25 -23.27
N HIS A 353 -40.58 -20.48 -21.95
CA HIS A 353 -41.00 -21.77 -21.42
C HIS A 353 -42.50 -22.00 -21.52
N ALA A 354 -43.29 -20.96 -21.79
CA ALA A 354 -44.74 -21.10 -21.93
C ALA A 354 -45.21 -20.95 -23.37
N GLY A 355 -44.30 -20.76 -24.32
CA GLY A 355 -44.68 -20.68 -25.71
C GLY A 355 -45.39 -19.41 -26.12
N LEU A 356 -45.18 -18.32 -25.37
CA LEU A 356 -45.77 -17.02 -25.71
C LEU A 356 -44.86 -16.32 -26.73
N VAL A 357 -44.86 -16.86 -27.95
CA VAL A 357 -43.94 -16.37 -28.97
C VAL A 357 -44.28 -14.94 -29.36
N ASP A 358 -45.57 -14.66 -29.58
CA ASP A 358 -45.97 -13.31 -29.98
C ASP A 358 -45.67 -12.29 -28.88
N GLU A 359 -46.07 -12.60 -27.64
CA GLU A 359 -45.85 -11.67 -26.54
C GLU A 359 -44.37 -11.51 -26.24
N GLY A 360 -43.59 -12.58 -26.36
CA GLY A 360 -42.16 -12.49 -26.13
C GLY A 360 -41.48 -11.54 -27.10
N HIS A 361 -41.88 -11.58 -28.38
CA HIS A 361 -41.33 -10.66 -29.35
C HIS A 361 -41.76 -9.23 -29.09
N HIS A 362 -42.96 -9.04 -28.54
CA HIS A 362 -43.46 -7.69 -28.27
C HIS A 362 -42.64 -7.01 -27.18
N TYR A 363 -42.50 -7.67 -26.03
CA TYR A 363 -41.77 -7.07 -24.92
C TYR A 363 -40.29 -6.89 -25.23
N PHE A 364 -39.71 -7.81 -26.01
CA PHE A 364 -38.29 -7.69 -26.37
C PHE A 364 -38.07 -6.49 -27.27
N GLU A 365 -38.87 -6.36 -28.33
CA GLU A 365 -38.71 -5.23 -29.25
C GLU A 365 -39.05 -3.91 -28.58
N SER A 366 -39.98 -3.91 -27.64
CA SER A 366 -40.38 -2.71 -26.93
C SER A 366 -39.58 -2.49 -25.64
N MET A 367 -38.46 -3.20 -25.47
CA MET A 367 -37.71 -3.09 -24.21
C MET A 367 -36.93 -1.78 -24.15
N SER A 368 -36.38 -1.34 -25.27
CA SER A 368 -35.57 -0.12 -25.31
C SER A 368 -36.35 1.10 -25.80
N PRO A 369 -37.31 0.98 -26.74
CA PRO A 369 -38.13 2.15 -27.08
C PRO A 369 -38.91 2.70 -25.89
N ASP A 370 -39.84 1.90 -25.36
CA ASP A 370 -40.74 2.37 -24.32
C ASP A 370 -40.17 2.25 -22.91
N TYR A 371 -38.95 1.73 -22.76
CA TYR A 371 -38.29 1.67 -21.47
C TYR A 371 -36.81 1.96 -21.66
N GLY A 372 -36.20 2.56 -20.64
CA GLY A 372 -34.78 2.86 -20.69
C GLY A 372 -33.88 1.64 -20.68
N ILE A 373 -34.44 0.44 -20.65
CA ILE A 373 -33.65 -0.79 -20.57
C ILE A 373 -33.04 -1.07 -21.95
N THR A 374 -31.73 -1.21 -22.00
CA THR A 374 -30.96 -1.62 -23.16
C THR A 374 -30.67 -3.12 -23.09
N PRO A 375 -30.51 -3.78 -24.24
CA PRO A 375 -30.50 -5.27 -24.28
C PRO A 375 -29.19 -5.88 -23.79
N ARG A 376 -29.28 -6.76 -22.81
CA ARG A 376 -28.13 -7.52 -22.39
C ARG A 376 -28.11 -8.89 -23.08
N VAL A 377 -26.96 -9.56 -22.96
CA VAL A 377 -26.80 -10.86 -23.62
C VAL A 377 -27.79 -11.88 -23.06
N GLU A 378 -28.33 -11.62 -21.86
CA GLU A 378 -29.31 -12.54 -21.29
C GLU A 378 -30.66 -12.44 -21.99
N HIS A 379 -31.04 -11.23 -22.41
CA HIS A 379 -32.31 -11.06 -23.11
C HIS A 379 -32.28 -11.71 -24.49
N TYR A 380 -31.12 -11.69 -25.15
CA TYR A 380 -31.00 -12.38 -26.44
C TYR A 380 -31.02 -13.88 -26.26
N GLY A 381 -30.42 -14.38 -25.18
CA GLY A 381 -30.48 -15.80 -24.89
C GLY A 381 -31.89 -16.27 -24.60
N CYS A 382 -32.70 -15.41 -23.96
CA CYS A 382 -34.11 -15.73 -23.78
C CYS A 382 -34.81 -15.87 -25.13
N MET A 383 -34.51 -14.96 -26.06
CA MET A 383 -35.12 -15.01 -27.38
C MET A 383 -34.68 -16.26 -28.15
N VAL A 384 -33.40 -16.62 -28.03
CA VAL A 384 -32.92 -17.85 -28.65
C VAL A 384 -33.61 -19.06 -28.01
N ASP A 385 -33.87 -18.99 -26.71
CA ASP A 385 -34.61 -20.05 -26.03
C ASP A 385 -36.05 -20.11 -26.51
N LEU A 386 -36.69 -18.94 -26.65
CA LEU A 386 -38.08 -18.90 -27.10
C LEU A 386 -38.22 -19.49 -28.50
N LEU A 387 -37.38 -19.05 -29.43
CA LEU A 387 -37.45 -19.55 -30.80
C LEU A 387 -37.07 -21.03 -30.87
N GLY A 388 -36.10 -21.44 -30.05
CA GLY A 388 -35.68 -22.84 -30.09
C GLY A 388 -36.76 -23.79 -29.62
N ARG A 389 -37.51 -23.41 -28.57
CA ARG A 389 -38.59 -24.26 -28.09
C ARG A 389 -39.80 -24.22 -29.01
N ALA A 390 -39.99 -23.12 -29.74
CA ALA A 390 -41.05 -23.03 -30.73
C ALA A 390 -40.69 -23.72 -32.04
N GLY A 391 -39.51 -24.33 -32.12
CA GLY A 391 -39.09 -25.05 -33.31
C GLY A 391 -38.48 -24.20 -34.40
N ARG A 392 -38.36 -22.89 -34.19
CA ARG A 392 -37.82 -21.98 -35.21
C ARG A 392 -36.30 -21.90 -35.03
N LEU A 393 -35.62 -22.97 -35.47
CA LEU A 393 -34.18 -23.05 -35.30
C LEU A 393 -33.43 -22.15 -36.26
N ASP A 394 -34.01 -21.89 -37.45
CA ASP A 394 -33.39 -20.93 -38.38
C ASP A 394 -33.33 -19.54 -37.75
N GLU A 395 -34.45 -19.07 -37.21
CA GLU A 395 -34.49 -17.77 -36.56
C GLU A 395 -33.59 -17.75 -35.31
N ALA A 396 -33.45 -18.89 -34.65
CA ALA A 396 -32.60 -18.96 -33.46
C ALA A 396 -31.13 -18.78 -33.83
N GLU A 397 -30.66 -19.52 -34.84
CA GLU A 397 -29.27 -19.38 -35.27
C GLU A 397 -29.01 -18.01 -35.88
N ASP A 398 -29.95 -17.51 -36.69
CA ASP A 398 -29.78 -16.20 -37.31
C ASP A 398 -29.72 -15.09 -36.26
N LEU A 399 -30.43 -15.25 -35.15
CA LEU A 399 -30.34 -14.28 -34.07
C LEU A 399 -28.98 -14.37 -33.37
N ILE A 400 -28.41 -15.57 -33.28
CA ILE A 400 -27.11 -15.75 -32.64
C ILE A 400 -26.04 -14.97 -33.40
N LYS A 401 -26.04 -15.10 -34.72
CA LYS A 401 -25.06 -14.40 -35.54
C LYS A 401 -25.28 -12.88 -35.48
N SER A 402 -26.49 -12.44 -35.79
CA SER A 402 -26.82 -11.01 -35.78
C SER A 402 -26.86 -10.43 -34.37
N MET A 403 -26.49 -11.18 -33.35
CA MET A 403 -26.52 -10.68 -31.98
C MET A 403 -25.44 -9.61 -31.80
N PRO A 404 -25.77 -8.47 -31.20
CA PRO A 404 -24.74 -7.44 -30.95
C PRO A 404 -23.80 -7.80 -29.80
N PHE A 405 -23.69 -9.09 -29.52
CA PHE A 405 -22.80 -9.60 -28.48
C PHE A 405 -22.04 -10.79 -29.02
N GLN A 406 -20.87 -11.04 -28.43
CA GLN A 406 -20.12 -12.24 -28.77
C GLN A 406 -20.83 -13.46 -28.19
N PRO A 407 -21.13 -14.47 -28.99
CA PRO A 407 -21.87 -15.63 -28.49
C PRO A 407 -21.08 -16.40 -27.44
N ASN A 408 -21.80 -17.03 -26.53
CA ASN A 408 -21.22 -17.76 -25.42
C ASN A 408 -21.67 -19.22 -25.45
N VAL A 409 -21.26 -19.97 -24.43
CA VAL A 409 -21.59 -21.39 -24.36
C VAL A 409 -23.08 -21.58 -24.04
N VAL A 410 -23.70 -20.62 -23.37
CA VAL A 410 -25.12 -20.72 -23.05
C VAL A 410 -25.95 -20.56 -24.32
N VAL A 411 -25.67 -19.51 -25.10
CA VAL A 411 -26.50 -19.17 -26.24
C VAL A 411 -26.39 -20.21 -27.35
N TRP A 412 -25.21 -20.82 -27.52
CA TRP A 412 -25.09 -21.93 -28.45
C TRP A 412 -25.64 -23.22 -27.86
N GLY A 413 -25.50 -23.42 -26.56
CA GLY A 413 -26.10 -24.57 -25.92
C GLY A 413 -27.61 -24.55 -25.98
N THR A 414 -28.20 -23.35 -25.97
CA THR A 414 -29.64 -23.23 -26.17
C THR A 414 -30.05 -23.77 -27.53
N LEU A 415 -29.35 -23.34 -28.58
CA LEU A 415 -29.63 -23.84 -29.93
C LEU A 415 -29.37 -25.33 -30.03
N LEU A 416 -28.26 -25.80 -29.43
CA LEU A 416 -27.94 -27.22 -29.49
C LEU A 416 -29.00 -28.06 -28.79
N GLY A 417 -29.47 -27.61 -27.62
CA GLY A 417 -30.54 -28.32 -26.94
C GLY A 417 -31.82 -28.32 -27.74
N ALA A 418 -32.11 -27.21 -28.44
CA ALA A 418 -33.30 -27.16 -29.28
C ALA A 418 -33.17 -28.08 -30.48
N CYS A 419 -31.96 -28.21 -31.03
CA CYS A 419 -31.74 -29.16 -32.11
C CYS A 419 -31.97 -30.59 -31.66
N ARG A 420 -31.65 -30.89 -30.41
CA ARG A 420 -31.94 -32.22 -29.86
C ARG A 420 -33.44 -32.48 -29.85
N VAL A 421 -34.23 -31.48 -29.47
CA VAL A 421 -35.67 -31.68 -29.33
C VAL A 421 -36.32 -31.90 -30.69
N HIS A 422 -35.92 -31.12 -31.70
CA HIS A 422 -36.55 -31.17 -33.01
C HIS A 422 -35.79 -32.02 -34.02
N GLY A 423 -34.69 -32.65 -33.61
CA GLY A 423 -33.99 -33.58 -34.47
C GLY A 423 -33.28 -32.96 -35.65
N ASP A 424 -32.68 -31.78 -35.45
CA ASP A 424 -31.92 -31.11 -36.51
C ASP A 424 -30.47 -31.56 -36.42
N VAL A 425 -30.13 -32.61 -37.15
CA VAL A 425 -28.80 -33.21 -37.04
C VAL A 425 -27.74 -32.27 -37.60
N GLU A 426 -28.01 -31.66 -38.76
CA GLU A 426 -27.05 -30.74 -39.36
C GLU A 426 -26.76 -29.57 -38.44
N ARG A 427 -27.80 -28.85 -38.03
CA ARG A 427 -27.64 -27.72 -37.11
C ARG A 427 -27.05 -28.18 -35.78
N GLY A 428 -27.34 -29.42 -35.37
CA GLY A 428 -26.73 -29.93 -34.15
C GLY A 428 -25.23 -30.06 -34.26
N GLU A 429 -24.74 -30.45 -35.43
CA GLU A 429 -23.30 -30.53 -35.65
C GLU A 429 -22.66 -29.15 -35.59
N ARG A 430 -23.28 -28.17 -36.25
CA ARG A 430 -22.75 -26.81 -36.25
C ARG A 430 -22.74 -26.23 -34.84
N ALA A 431 -23.86 -26.36 -34.12
CA ALA A 431 -23.96 -25.82 -32.77
C ALA A 431 -22.95 -26.49 -31.84
N ALA A 432 -22.86 -27.83 -31.91
CA ALA A 432 -21.90 -28.55 -31.09
C ALA A 432 -20.47 -28.14 -31.40
N GLU A 433 -20.19 -27.78 -32.66
CA GLU A 433 -18.85 -27.35 -33.04
C GLU A 433 -18.50 -26.02 -32.39
N ARG A 434 -19.41 -25.04 -32.50
CA ARG A 434 -19.14 -23.71 -31.93
C ARG A 434 -18.97 -23.76 -30.42
N ILE A 435 -19.64 -24.71 -29.75
CA ILE A 435 -19.47 -24.84 -28.30
C ILE A 435 -18.08 -25.37 -27.98
N LEU A 436 -17.58 -26.31 -28.79
CA LEU A 436 -16.30 -26.93 -28.50
C LEU A 436 -15.14 -25.94 -28.67
N GLU A 437 -15.29 -24.97 -29.59
CA GLU A 437 -14.27 -23.93 -29.71
C GLU A 437 -14.34 -22.97 -28.53
N LEU A 438 -15.55 -22.65 -28.06
CA LEU A 438 -15.70 -21.78 -26.90
C LEU A 438 -15.17 -22.44 -25.64
N ASP A 439 -15.64 -23.66 -25.34
CA ASP A 439 -15.16 -24.44 -24.21
C ASP A 439 -14.94 -25.86 -24.71
N PRO A 440 -13.73 -26.40 -24.60
CA PRO A 440 -13.51 -27.80 -24.98
C PRO A 440 -13.77 -28.80 -23.86
N GLU A 441 -13.96 -28.35 -22.62
CA GLU A 441 -14.13 -29.23 -21.47
C GLU A 441 -15.59 -29.49 -21.12
N SER A 442 -16.53 -28.73 -21.68
CA SER A 442 -17.94 -28.97 -21.40
C SER A 442 -18.35 -30.33 -21.97
N ALA A 443 -18.89 -31.19 -21.11
CA ALA A 443 -19.35 -32.50 -21.55
C ALA A 443 -20.73 -32.46 -22.19
N ALA A 444 -21.47 -31.36 -21.99
CA ALA A 444 -22.82 -31.27 -22.54
C ALA A 444 -22.85 -31.32 -24.07
N PRO A 445 -22.02 -30.59 -24.81
CA PRO A 445 -22.09 -30.68 -26.28
C PRO A 445 -21.82 -32.07 -26.83
N TYR A 446 -21.04 -32.89 -26.11
CA TYR A 446 -20.77 -34.24 -26.57
C TYR A 446 -22.00 -35.13 -26.42
N VAL A 447 -22.53 -35.23 -25.20
CA VAL A 447 -23.68 -36.10 -24.95
C VAL A 447 -24.89 -35.63 -25.75
N LEU A 448 -25.04 -34.32 -25.91
CA LEU A 448 -26.14 -33.80 -26.70
C LEU A 448 -26.05 -34.27 -28.15
N LEU A 449 -24.88 -34.12 -28.77
CA LEU A 449 -24.70 -34.60 -30.14
C LEU A 449 -24.80 -36.12 -30.22
N SER A 450 -24.28 -36.81 -29.19
CA SER A 450 -24.41 -38.26 -29.16
C SER A 450 -25.87 -38.67 -29.06
N ASN A 451 -26.68 -37.92 -28.31
CA ASN A 451 -28.11 -38.20 -28.24
C ASN A 451 -28.80 -37.85 -29.56
N ILE A 452 -28.37 -36.76 -30.21
CA ILE A 452 -28.95 -36.39 -31.50
C ILE A 452 -28.70 -37.48 -32.53
N TYR A 453 -27.46 -37.95 -32.62
CA TYR A 453 -27.12 -39.02 -33.54
C TYR A 453 -27.89 -40.29 -33.23
N ALA A 454 -27.86 -40.72 -31.96
CA ALA A 454 -28.55 -41.94 -31.58
C ALA A 454 -30.04 -41.84 -31.85
N ALA A 455 -30.63 -40.65 -31.69
CA ALA A 455 -32.03 -40.46 -32.03
C ALA A 455 -32.26 -40.64 -33.52
N ALA A 456 -31.32 -40.16 -34.34
CA ALA A 456 -31.42 -40.29 -35.78
C ALA A 456 -31.06 -41.68 -36.29
N GLY A 457 -30.72 -42.61 -35.41
CA GLY A 457 -30.29 -43.93 -35.82
C GLY A 457 -28.87 -44.01 -36.29
N ARG A 458 -28.10 -42.93 -36.17
CA ARG A 458 -26.69 -42.91 -36.58
C ARG A 458 -25.83 -43.39 -35.40
N TRP A 459 -25.89 -44.71 -35.17
CA TRP A 459 -25.20 -45.29 -34.03
C TRP A 459 -23.69 -45.23 -34.17
N ASP A 460 -23.18 -45.56 -35.37
CA ASP A 460 -21.74 -45.50 -35.59
C ASP A 460 -21.21 -44.09 -35.37
N GLU A 461 -21.94 -43.07 -35.84
CA GLU A 461 -21.53 -41.70 -35.60
C GLU A 461 -21.58 -41.36 -34.13
N ALA A 462 -22.68 -41.70 -33.45
CA ALA A 462 -22.81 -41.44 -32.02
C ALA A 462 -21.69 -42.11 -31.23
N ALA A 463 -21.29 -43.32 -31.64
CA ALA A 463 -20.23 -44.02 -30.95
C ALA A 463 -18.91 -43.25 -31.04
N LYS A 464 -18.65 -42.60 -32.18
CA LYS A 464 -17.42 -41.86 -32.34
C LYS A 464 -17.43 -40.59 -31.49
N VAL A 465 -18.57 -39.91 -31.40
CA VAL A 465 -18.66 -38.73 -30.55
C VAL A 465 -18.46 -39.11 -29.08
N ARG A 466 -18.97 -40.28 -28.69
CA ARG A 466 -18.69 -40.77 -27.34
C ARG A 466 -17.23 -41.20 -27.22
N LYS A 467 -16.70 -41.86 -28.25
CA LYS A 467 -15.28 -42.22 -28.26
C LYS A 467 -14.40 -40.98 -28.10
N LEU A 468 -14.66 -39.94 -28.89
CA LEU A 468 -13.84 -38.74 -28.82
C LEU A 468 -13.94 -38.07 -27.45
N MET A 469 -15.07 -38.24 -26.76
CA MET A 469 -15.21 -37.67 -25.43
C MET A 469 -14.34 -38.40 -24.42
N LYS A 470 -14.25 -39.72 -24.52
CA LYS A 470 -13.45 -40.47 -23.55
C LYS A 470 -11.96 -40.26 -23.77
N GLU A 471 -11.54 -40.00 -25.01
CA GLU A 471 -10.12 -39.79 -25.27
C GLU A 471 -9.67 -38.38 -24.89
N ARG A 472 -10.56 -37.40 -24.96
CA ARG A 472 -10.25 -36.05 -24.51
C ARG A 472 -10.38 -35.88 -23.01
N GLY A 473 -10.71 -36.95 -22.28
CA GLY A 473 -10.82 -36.88 -20.84
C GLY A 473 -11.95 -36.02 -20.33
N VAL A 474 -13.03 -35.89 -21.11
CA VAL A 474 -14.17 -35.07 -20.71
C VAL A 474 -15.07 -35.90 -19.79
N LYS A 475 -15.31 -35.40 -18.59
CA LYS A 475 -16.16 -36.05 -17.61
C LYS A 475 -17.52 -35.37 -17.59
N LYS A 476 -18.58 -36.16 -17.60
CA LYS A 476 -19.94 -35.64 -17.56
C LYS A 476 -20.54 -35.91 -16.19
N GLU A 477 -21.29 -34.95 -15.68
CA GLU A 477 -21.93 -35.12 -14.38
C GLU A 477 -23.17 -36.00 -14.52
N PRO A 478 -23.35 -36.99 -13.66
CA PRO A 478 -24.46 -37.94 -13.85
C PRO A 478 -25.81 -37.25 -13.76
N GLY A 479 -26.67 -37.54 -14.73
CA GLY A 479 -28.04 -37.09 -14.67
C GLY A 479 -28.79 -37.84 -13.58
N CYS A 480 -29.35 -37.12 -12.63
CA CYS A 480 -30.00 -37.75 -11.49
C CYS A 480 -31.17 -36.90 -11.02
N SER A 481 -32.11 -37.57 -10.37
CA SER A 481 -33.25 -36.92 -9.74
C SER A 481 -33.25 -37.26 -8.26
N TRP A 482 -33.48 -36.26 -7.41
CA TRP A 482 -33.51 -36.46 -5.97
C TRP A 482 -34.85 -36.01 -5.40
N ILE A 483 -35.16 -36.54 -4.22
CA ILE A 483 -36.45 -36.32 -3.56
C ILE A 483 -36.23 -36.32 -2.06
N GLU A 484 -36.74 -35.28 -1.39
CA GLU A 484 -36.55 -35.12 0.04
C GLU A 484 -37.68 -35.84 0.77
N VAL A 485 -37.34 -36.91 1.50
CA VAL A 485 -38.30 -37.67 2.29
C VAL A 485 -37.77 -37.75 3.71
N ASN A 486 -38.51 -37.18 4.66
CA ASN A 486 -38.16 -37.19 6.08
C ASN A 486 -36.80 -36.52 6.29
N ASN A 487 -36.62 -35.33 5.71
CA ASN A 487 -35.44 -34.49 5.84
C ASN A 487 -34.19 -35.15 5.26
N LYS A 488 -34.32 -36.28 4.57
CA LYS A 488 -33.19 -36.97 3.96
C LYS A 488 -33.39 -37.01 2.46
N VAL A 489 -32.55 -36.25 1.73
CA VAL A 489 -32.64 -36.27 0.27
C VAL A 489 -32.16 -37.63 -0.25
N HIS A 490 -32.66 -38.02 -1.41
CA HIS A 490 -32.44 -39.36 -1.94
C HIS A 490 -32.09 -39.25 -3.42
N GLU A 491 -30.82 -39.46 -3.75
CA GLU A 491 -30.34 -39.33 -5.12
C GLU A 491 -30.52 -40.63 -5.90
N PHE A 492 -31.00 -40.50 -7.13
CA PHE A 492 -31.25 -41.66 -7.98
C PHE A 492 -30.76 -41.36 -9.39
N VAL A 493 -29.94 -42.24 -9.94
CA VAL A 493 -29.55 -42.18 -11.34
C VAL A 493 -30.38 -43.19 -12.12
N ALA A 494 -30.31 -43.11 -13.44
CA ALA A 494 -31.10 -44.02 -14.27
C ALA A 494 -30.55 -45.43 -14.16
N GLY A 495 -31.45 -46.40 -13.95
CA GLY A 495 -31.04 -47.77 -13.75
C GLY A 495 -30.31 -48.02 -12.45
N ASP A 496 -30.49 -47.13 -11.46
CA ASP A 496 -29.80 -47.26 -10.18
C ASP A 496 -30.28 -48.52 -9.45
N LYS A 497 -29.33 -49.37 -9.08
CA LYS A 497 -29.62 -50.56 -8.27
C LYS A 497 -28.80 -50.58 -6.99
N SER A 498 -28.38 -49.40 -6.52
CA SER A 498 -27.54 -49.28 -5.34
C SER A 498 -28.28 -48.78 -4.12
N HIS A 499 -29.56 -48.45 -4.25
CA HIS A 499 -30.31 -47.90 -3.13
C HIS A 499 -30.63 -49.00 -2.11
N PRO A 500 -30.65 -48.66 -0.82
CA PRO A 500 -30.99 -49.67 0.19
C PRO A 500 -32.33 -50.36 -0.03
N GLN A 501 -33.36 -49.61 -0.41
CA GLN A 501 -34.69 -50.17 -0.64
C GLN A 501 -34.93 -50.50 -2.11
N THR A 502 -33.87 -50.84 -2.85
CA THR A 502 -33.98 -51.02 -4.30
C THR A 502 -35.06 -52.02 -4.67
N LYS A 503 -35.12 -53.16 -3.97
CA LYS A 503 -36.05 -54.22 -4.35
C LYS A 503 -37.50 -53.81 -4.14
N GLU A 504 -37.78 -53.01 -3.09
CA GLU A 504 -39.14 -52.50 -2.91
C GLU A 504 -39.44 -51.36 -3.87
N ILE A 505 -38.42 -50.57 -4.24
CA ILE A 505 -38.62 -49.53 -5.24
C ILE A 505 -38.93 -50.15 -6.60
N TYR A 506 -38.18 -51.19 -6.97
CA TYR A 506 -38.39 -51.82 -8.27
C TYR A 506 -39.68 -52.62 -8.30
N ALA A 507 -40.00 -53.32 -7.21
CA ALA A 507 -41.28 -54.02 -7.14
C ALA A 507 -42.44 -53.04 -7.23
N GLU A 508 -42.30 -51.88 -6.60
CA GLU A 508 -43.30 -50.82 -6.76
C GLU A 508 -43.41 -50.38 -8.21
N LEU A 509 -42.26 -50.21 -8.88
CA LEU A 509 -42.27 -49.83 -10.28
C LEU A 509 -42.98 -50.88 -11.13
N GLU A 510 -42.83 -52.16 -10.76
CA GLU A 510 -43.54 -53.22 -11.47
C GLU A 510 -45.04 -53.15 -11.21
N ARG A 511 -45.44 -52.89 -9.96
CA ARG A 511 -46.87 -52.76 -9.67
C ARG A 511 -47.45 -51.52 -10.34
N LEU A 512 -46.67 -50.45 -10.47
CA LEU A 512 -47.18 -49.23 -11.10
C LEU A 512 -47.41 -49.46 -12.59
N SER A 513 -46.43 -50.05 -13.28
CA SER A 513 -46.55 -50.30 -14.71
C SER A 513 -47.73 -51.21 -15.03
N LYS A 514 -48.10 -52.08 -14.09
CA LYS A 514 -49.29 -52.91 -14.29
C LYS A 514 -50.54 -52.03 -14.42
N GLN A 515 -50.68 -51.05 -13.53
CA GLN A 515 -51.83 -50.15 -13.61
C GLN A 515 -51.72 -49.21 -14.81
N MET A 516 -50.49 -48.79 -15.16
CA MET A 516 -50.31 -47.92 -16.29
C MET A 516 -50.70 -48.61 -17.60
N LYS A 517 -50.41 -49.90 -17.71
CA LYS A 517 -50.81 -50.64 -18.91
C LYS A 517 -52.33 -50.72 -19.03
N GLU A 518 -53.03 -50.86 -17.89
CA GLU A 518 -54.48 -50.89 -17.93
C GLU A 518 -55.07 -49.51 -18.22
N ALA A 519 -54.41 -48.45 -17.75
CA ALA A 519 -54.88 -47.09 -18.02
C ALA A 519 -54.66 -46.66 -19.46
N GLY A 520 -53.91 -47.44 -20.25
CA GLY A 520 -53.68 -47.14 -21.65
C GLY A 520 -52.27 -46.75 -22.00
N TYR A 521 -51.34 -46.77 -21.06
CA TYR A 521 -49.97 -46.35 -21.33
C TYR A 521 -49.26 -47.38 -22.19
N VAL A 522 -48.68 -46.92 -23.31
CA VAL A 522 -47.87 -47.76 -24.17
C VAL A 522 -46.53 -47.07 -24.37
N PRO A 523 -45.43 -47.63 -23.86
CA PRO A 523 -44.13 -46.96 -23.99
C PRO A 523 -43.59 -47.11 -25.40
N ASP A 524 -43.15 -46.01 -25.98
CA ASP A 524 -42.46 -46.07 -27.26
C ASP A 524 -40.94 -46.15 -27.04
N THR A 525 -40.27 -46.77 -28.00
CA THR A 525 -38.84 -47.02 -27.87
C THR A 525 -37.99 -46.04 -28.68
N LYS A 526 -38.61 -45.15 -29.45
CA LYS A 526 -37.85 -44.14 -30.16
C LYS A 526 -37.18 -43.16 -29.20
N PHE A 527 -37.66 -43.08 -27.96
CA PHE A 527 -37.07 -42.20 -26.97
C PHE A 527 -35.87 -42.82 -26.26
N VAL A 528 -35.65 -44.12 -26.41
CA VAL A 528 -34.46 -44.78 -25.87
C VAL A 528 -33.34 -44.65 -26.88
N LEU A 529 -32.18 -44.19 -26.44
CA LEU A 529 -31.04 -43.89 -27.30
C LEU A 529 -29.92 -44.90 -27.15
N HIS A 530 -30.28 -46.18 -27.03
CA HIS A 530 -29.29 -47.25 -26.87
C HIS A 530 -29.57 -48.35 -27.88
N ASP A 531 -28.50 -48.85 -28.52
CA ASP A 531 -28.63 -49.77 -29.66
C ASP A 531 -28.94 -51.18 -29.17
N VAL A 532 -30.09 -51.29 -28.52
CA VAL A 532 -30.49 -52.50 -27.82
C VAL A 532 -31.84 -52.93 -28.36
N GLU A 533 -32.10 -54.24 -28.29
CA GLU A 533 -33.38 -54.79 -28.75
C GLU A 533 -34.55 -54.17 -27.99
N GLU A 534 -35.76 -54.43 -28.50
CA GLU A 534 -36.95 -53.84 -27.92
C GLU A 534 -37.16 -54.29 -26.48
N GLU A 535 -36.77 -55.52 -26.14
CA GLU A 535 -37.05 -56.07 -24.82
C GLU A 535 -36.36 -55.26 -23.73
N GLU A 536 -35.15 -54.76 -23.99
CA GLU A 536 -34.44 -53.96 -23.02
C GLU A 536 -34.69 -52.46 -23.17
N LYS A 537 -35.19 -52.03 -24.34
CA LYS A 537 -35.52 -50.62 -24.53
C LYS A 537 -36.69 -50.21 -23.65
N GLU A 538 -37.75 -51.03 -23.60
CA GLU A 538 -38.86 -50.74 -22.70
C GLU A 538 -38.44 -50.88 -21.24
N GLN A 539 -37.49 -51.77 -20.95
CA GLN A 539 -36.99 -51.90 -19.59
C GLN A 539 -36.15 -50.70 -19.19
N LEU A 540 -35.46 -50.08 -20.14
CA LEU A 540 -34.63 -48.91 -19.83
C LEU A 540 -35.50 -47.69 -19.58
N LEU A 541 -36.57 -47.52 -20.35
CA LEU A 541 -37.54 -46.46 -20.08
C LEU A 541 -38.11 -46.59 -18.67
N CYS A 542 -38.29 -47.83 -18.21
CA CYS A 542 -38.96 -48.06 -16.94
C CYS A 542 -38.13 -47.59 -15.74
N TYR A 543 -36.80 -47.60 -15.85
CA TYR A 543 -35.91 -47.32 -14.73
C TYR A 543 -35.14 -46.02 -14.92
N HIS A 544 -35.81 -44.98 -15.42
CA HIS A 544 -35.17 -43.67 -15.48
C HIS A 544 -35.09 -43.07 -14.07
N SER A 545 -34.34 -41.97 -13.97
CA SER A 545 -33.99 -41.43 -12.65
C SER A 545 -35.23 -40.99 -11.88
N GLU A 546 -36.10 -40.20 -12.50
CA GLU A 546 -37.28 -39.71 -11.80
C GLU A 546 -38.29 -40.82 -11.55
N LYS A 547 -38.34 -41.83 -12.42
CA LYS A 547 -39.25 -42.95 -12.18
C LYS A 547 -38.83 -43.75 -10.96
N LEU A 548 -37.53 -43.75 -10.64
CA LEU A 548 -37.08 -44.35 -9.39
C LEU A 548 -37.41 -43.43 -8.21
N ALA A 549 -37.31 -42.12 -8.41
CA ALA A 549 -37.58 -41.17 -7.33
C ALA A 549 -39.07 -41.13 -6.99
N ILE A 550 -39.94 -41.25 -7.99
CA ILE A 550 -41.36 -41.39 -7.73
C ILE A 550 -41.61 -42.67 -6.94
N ALA A 551 -41.07 -43.80 -7.42
CA ALA A 551 -41.35 -45.09 -6.81
C ALA A 551 -40.93 -45.11 -5.34
N PHE A 552 -39.82 -44.45 -5.01
CA PHE A 552 -39.43 -44.37 -3.60
C PHE A 552 -40.37 -43.45 -2.82
N GLY A 553 -40.88 -42.40 -3.46
CA GLY A 553 -41.70 -41.44 -2.74
C GLY A 553 -43.02 -42.01 -2.27
N LEU A 554 -43.69 -42.78 -3.12
CA LEU A 554 -45.02 -43.32 -2.79
C LEU A 554 -44.94 -44.65 -2.05
N ILE A 555 -43.75 -45.12 -1.68
CA ILE A 555 -43.60 -46.23 -0.75
C ILE A 555 -43.05 -45.77 0.59
N SER A 556 -42.71 -44.50 0.74
CA SER A 556 -42.18 -43.96 1.98
C SER A 556 -42.98 -42.80 2.53
N THR A 557 -44.06 -42.41 1.86
CA THR A 557 -44.93 -41.33 2.30
C THR A 557 -46.37 -41.81 2.31
N PRO A 558 -47.24 -41.20 3.11
CA PRO A 558 -48.64 -41.59 3.10
C PRO A 558 -49.26 -41.39 1.74
N PRO A 559 -50.31 -42.13 1.41
CA PRO A 559 -50.91 -42.00 0.08
C PRO A 559 -51.58 -40.65 -0.11
N GLY A 560 -51.45 -40.11 -1.33
CA GLY A 560 -51.99 -38.81 -1.65
C GLY A 560 -51.11 -37.64 -1.29
N THR A 561 -49.95 -37.88 -0.70
CA THR A 561 -49.07 -36.78 -0.32
C THR A 561 -48.35 -36.23 -1.54
N PRO A 562 -48.30 -34.92 -1.72
CA PRO A 562 -47.59 -34.35 -2.88
C PRO A 562 -46.10 -34.68 -2.83
N LEU A 563 -45.58 -35.12 -3.96
CA LEU A 563 -44.16 -35.44 -4.10
C LEU A 563 -43.47 -34.39 -4.95
N ARG A 564 -42.24 -34.05 -4.59
CA ARG A 564 -41.40 -33.14 -5.36
C ARG A 564 -40.11 -33.85 -5.72
N ILE A 565 -39.71 -33.73 -6.98
CA ILE A 565 -38.49 -34.35 -7.49
C ILE A 565 -37.73 -33.30 -8.28
N ILE A 566 -36.42 -33.21 -8.03
CA ILE A 566 -35.55 -32.25 -8.69
C ILE A 566 -34.52 -33.03 -9.50
N LYS A 567 -34.53 -32.84 -10.81
CA LYS A 567 -33.55 -33.44 -11.70
C LYS A 567 -32.58 -32.37 -12.19
N ASN A 568 -31.54 -32.82 -12.90
CA ASN A 568 -30.59 -31.94 -13.54
C ASN A 568 -30.65 -32.06 -15.07
N LEU A 569 -31.71 -32.66 -15.59
CA LEU A 569 -31.84 -32.90 -17.01
C LEU A 569 -33.32 -32.85 -17.40
N ARG A 570 -33.55 -32.58 -18.69
CA ARG A 570 -34.91 -32.47 -19.18
C ARG A 570 -35.57 -33.84 -19.28
N VAL A 571 -36.86 -33.89 -18.95
CA VAL A 571 -37.61 -35.14 -19.04
C VAL A 571 -37.91 -35.44 -20.50
N CYS A 572 -37.81 -36.73 -20.87
CA CYS A 572 -38.13 -37.14 -22.22
C CYS A 572 -39.65 -37.19 -22.41
N GLY A 573 -40.06 -37.31 -23.66
CA GLY A 573 -41.49 -37.28 -23.97
C GLY A 573 -42.25 -38.45 -23.37
N ASP A 574 -41.71 -39.66 -23.52
CA ASP A 574 -42.40 -40.83 -23.01
C ASP A 574 -42.44 -40.86 -21.50
N CYS A 575 -41.40 -40.33 -20.83
CA CYS A 575 -41.43 -40.25 -19.38
C CYS A 575 -42.35 -39.13 -18.91
N HIS A 576 -42.49 -38.07 -19.70
CA HIS A 576 -43.48 -37.05 -19.39
C HIS A 576 -44.90 -37.62 -19.51
N THR A 577 -45.12 -38.50 -20.48
CA THR A 577 -46.41 -39.16 -20.61
C THR A 577 -46.63 -40.16 -19.47
N ALA A 578 -45.57 -40.89 -19.09
CA ALA A 578 -45.70 -41.89 -18.03
C ALA A 578 -46.03 -41.22 -16.69
N THR A 579 -45.36 -40.12 -16.37
CA THR A 579 -45.67 -39.41 -15.13
C THR A 579 -47.07 -38.84 -15.13
N LYS A 580 -47.59 -38.47 -16.32
CA LYS A 580 -48.99 -38.04 -16.41
C LYS A 580 -49.92 -39.17 -16.02
N PHE A 581 -49.65 -40.39 -16.52
CA PHE A 581 -50.46 -41.54 -16.14
C PHE A 581 -50.35 -41.82 -14.65
N ILE A 582 -49.15 -41.65 -14.08
CA ILE A 582 -48.93 -41.95 -12.67
C ILE A 582 -49.65 -40.95 -11.77
N SER A 583 -49.77 -39.69 -12.21
CA SER A 583 -50.35 -38.65 -11.36
C SER A 583 -51.78 -38.97 -10.97
N LYS A 584 -52.56 -39.54 -11.90
CA LYS A 584 -53.93 -39.92 -11.57
C LYS A 584 -54.02 -41.33 -10.99
N ILE A 585 -53.10 -42.21 -11.35
CA ILE A 585 -53.11 -43.57 -10.82
C ILE A 585 -52.94 -43.55 -9.31
N VAL A 586 -51.97 -42.75 -8.83
CA VAL A 586 -51.64 -42.72 -7.41
C VAL A 586 -52.35 -41.60 -6.67
N GLY A 587 -53.10 -40.75 -7.37
CA GLY A 587 -53.86 -39.70 -6.69
C GLY A 587 -53.02 -38.67 -5.99
N ARG A 588 -51.87 -38.32 -6.56
CA ARG A 588 -50.99 -37.31 -5.99
C ARG A 588 -50.66 -36.26 -7.05
N GLU A 589 -50.21 -35.11 -6.58
CA GLU A 589 -49.63 -34.08 -7.44
C GLU A 589 -48.11 -34.24 -7.41
N ILE A 590 -47.53 -34.51 -8.57
CA ILE A 590 -46.10 -34.76 -8.69
C ILE A 590 -45.47 -33.54 -9.36
N VAL A 591 -44.56 -32.87 -8.64
CA VAL A 591 -43.84 -31.72 -9.15
C VAL A 591 -42.42 -32.17 -9.48
N VAL A 592 -42.09 -32.17 -10.77
CA VAL A 592 -40.78 -32.60 -11.24
C VAL A 592 -40.12 -31.41 -11.93
N ARG A 593 -38.86 -31.16 -11.58
CA ARG A 593 -38.09 -30.07 -12.18
C ARG A 593 -37.17 -30.62 -13.26
N ASP A 594 -37.01 -29.86 -14.33
CA ASP A 594 -35.98 -30.14 -15.31
C ASP A 594 -34.69 -29.47 -14.87
N ALA A 595 -33.88 -28.99 -15.83
CA ALA A 595 -32.70 -28.23 -15.45
C ALA A 595 -33.07 -26.95 -14.73
N ASN A 596 -34.22 -26.36 -15.05
CA ASN A 596 -34.65 -25.12 -14.45
C ASN A 596 -36.17 -25.07 -14.31
N ARG A 597 -36.88 -25.56 -15.32
CA ARG A 597 -38.33 -25.44 -15.38
C ARG A 597 -39.01 -26.52 -14.55
N PHE A 598 -40.16 -26.16 -13.97
CA PHE A 598 -40.94 -27.07 -13.15
C PHE A 598 -42.15 -27.58 -13.92
N HIS A 599 -42.46 -28.86 -13.71
CA HIS A 599 -43.69 -29.47 -14.21
C HIS A 599 -44.61 -29.80 -13.04
N HIS A 600 -45.91 -29.80 -13.30
CA HIS A 600 -46.91 -30.11 -12.28
C HIS A 600 -47.89 -31.13 -12.85
N PHE A 601 -47.75 -32.38 -12.43
CA PHE A 601 -48.61 -33.47 -12.91
C PHE A 601 -49.74 -33.69 -11.90
N LYS A 602 -50.98 -33.60 -12.38
CA LYS A 602 -52.14 -33.76 -11.51
C LYS A 602 -53.32 -34.21 -12.35
N ASP A 603 -54.02 -35.25 -11.86
CA ASP A 603 -55.25 -35.76 -12.48
C ASP A 603 -55.04 -36.19 -13.93
N GLY A 604 -53.82 -36.62 -14.26
CA GLY A 604 -53.55 -37.18 -15.57
C GLY A 604 -52.99 -36.21 -16.60
N VAL A 605 -52.76 -34.95 -16.23
CA VAL A 605 -52.20 -33.96 -17.14
C VAL A 605 -51.10 -33.20 -16.41
N CYS A 606 -50.33 -32.45 -17.18
CA CYS A 606 -49.28 -31.60 -16.65
C CYS A 606 -49.62 -30.13 -16.93
N SER A 607 -49.19 -29.26 -16.02
CA SER A 607 -49.47 -27.83 -16.15
C SER A 607 -48.81 -27.21 -17.38
N CYS A 608 -47.82 -27.89 -17.96
CA CYS A 608 -47.11 -27.35 -19.12
C CYS A 608 -47.87 -27.53 -20.42
N GLY A 609 -48.95 -28.29 -20.43
CA GLY A 609 -49.69 -28.54 -21.65
C GLY A 609 -48.89 -29.25 -22.72
N ASP A 610 -47.96 -30.12 -22.32
CA ASP A 610 -47.09 -30.85 -23.23
C ASP A 610 -46.28 -29.90 -24.12
N TYR A 611 -45.93 -28.73 -23.57
CA TYR A 611 -45.04 -27.78 -24.24
C TYR A 611 -44.01 -27.33 -23.21
N TRP A 612 -42.81 -27.92 -23.28
CA TRP A 612 -41.73 -27.52 -22.38
C TRP A 612 -40.39 -27.52 -23.12
N ASN B 1 27.80 -16.29 -40.29
CA ASN B 1 27.24 -15.30 -39.37
C ASN B 1 25.76 -15.06 -39.64
N SER B 2 24.92 -15.48 -38.70
CA SER B 2 23.49 -15.30 -38.80
C SER B 2 23.04 -14.18 -37.86
N VAL B 3 21.75 -13.84 -37.95
CA VAL B 3 21.17 -12.92 -36.98
C VAL B 3 21.27 -13.52 -35.58
N PHE B 4 21.07 -14.83 -35.47
CA PHE B 4 21.19 -15.50 -34.18
C PHE B 4 22.61 -15.40 -33.63
N SER B 5 23.61 -15.62 -34.49
CA SER B 5 25.00 -15.56 -34.05
C SER B 5 25.37 -14.17 -33.53
N TRP B 6 25.07 -13.14 -34.34
CA TRP B 6 25.40 -11.78 -33.94
C TRP B 6 24.63 -11.36 -32.69
N ASN B 7 23.34 -11.73 -32.62
CA ASN B 7 22.53 -11.37 -31.46
C ASN B 7 23.08 -11.97 -30.18
N SER B 8 23.57 -13.21 -30.25
CA SER B 8 24.15 -13.84 -29.07
C SER B 8 25.42 -13.12 -28.62
N LYS B 9 26.25 -12.71 -29.59
CA LYS B 9 27.46 -11.96 -29.25
C LYS B 9 27.11 -10.61 -28.62
N ILE B 10 26.17 -9.89 -29.23
CA ILE B 10 25.78 -8.58 -28.72
C ILE B 10 25.14 -8.70 -27.35
N ARG B 11 24.26 -9.68 -27.17
CA ARG B 11 23.60 -9.86 -25.88
C ARG B 11 24.61 -10.20 -24.78
N GLY B 12 25.57 -11.07 -25.09
CA GLY B 12 26.54 -11.46 -24.10
C GLY B 12 27.39 -10.30 -23.60
N TYR B 13 27.66 -9.32 -24.46
CA TYR B 13 28.45 -8.16 -24.07
C TYR B 13 27.60 -7.02 -23.50
N ALA B 14 26.30 -7.00 -23.82
CA ALA B 14 25.44 -5.96 -23.26
C ALA B 14 25.05 -6.24 -21.81
N ARG B 15 24.97 -7.51 -21.44
CA ARG B 15 24.67 -7.87 -20.05
CA ARG B 15 24.67 -7.87 -20.05
C ARG B 15 25.92 -7.96 -19.20
N ASN B 16 27.08 -8.25 -19.80
CA ASN B 16 28.35 -8.38 -19.10
C ASN B 16 29.03 -7.04 -18.84
N GLY B 17 28.29 -5.93 -18.86
CA GLY B 17 28.88 -4.64 -18.59
C GLY B 17 29.95 -4.22 -19.56
N GLN B 18 29.77 -4.53 -20.85
CA GLN B 18 30.70 -4.14 -21.90
C GLN B 18 29.91 -3.45 -23.01
N PRO B 19 29.34 -2.27 -22.74
CA PRO B 19 28.45 -1.65 -23.73
C PRO B 19 29.17 -1.22 -24.99
N GLU B 20 30.45 -0.85 -24.90
CA GLU B 20 31.18 -0.39 -26.07
C GLU B 20 31.33 -1.50 -27.10
N GLU B 21 31.71 -2.70 -26.66
CA GLU B 21 31.83 -3.83 -27.57
C GLU B 21 30.47 -4.24 -28.12
N ALA B 22 29.41 -4.09 -27.33
CA ALA B 22 28.07 -4.40 -27.83
C ALA B 22 27.69 -3.47 -28.97
N LEU B 23 27.92 -2.16 -28.80
CA LEU B 23 27.61 -1.22 -29.87
C LEU B 23 28.56 -1.37 -31.04
N SER B 24 29.83 -1.71 -30.77
CA SER B 24 30.77 -1.98 -31.85
C SER B 24 30.30 -3.15 -32.70
N LEU B 25 29.86 -4.23 -32.05
CA LEU B 25 29.35 -5.38 -32.80
C LEU B 25 28.07 -5.04 -33.55
N TYR B 26 27.26 -4.12 -33.02
CA TYR B 26 26.07 -3.67 -33.73
C TYR B 26 26.43 -3.03 -35.08
N SER B 27 27.48 -2.21 -35.09
CA SER B 27 27.92 -1.61 -36.33
C SER B 27 28.48 -2.66 -37.29
N GLN B 28 29.24 -3.62 -36.76
CA GLN B 28 29.82 -4.66 -37.61
C GLN B 28 28.73 -5.57 -38.20
N MET B 29 27.74 -5.94 -37.39
CA MET B 29 26.61 -6.72 -37.90
C MET B 29 25.90 -5.98 -39.03
N ARG B 30 25.63 -4.68 -38.82
CA ARG B 30 24.90 -3.91 -39.83
C ARG B 30 25.68 -3.81 -41.13
N ARG B 31 26.97 -3.48 -41.03
CA ARG B 31 27.80 -3.34 -42.21
C ARG B 31 28.08 -4.69 -42.87
N SER B 32 27.95 -5.79 -42.13
CA SER B 32 28.06 -7.13 -42.70
C SER B 32 26.83 -7.53 -43.50
N GLY B 33 25.80 -6.68 -43.55
CA GLY B 33 24.60 -6.99 -44.30
C GLY B 33 23.56 -7.81 -43.58
N ILE B 34 23.57 -7.81 -42.26
CA ILE B 34 22.62 -8.57 -41.46
C ILE B 34 21.69 -7.58 -40.77
N LYS B 35 20.38 -7.73 -40.99
CA LYS B 35 19.40 -6.78 -40.47
C LYS B 35 19.08 -7.11 -39.02
N PRO B 36 19.31 -6.20 -38.08
CA PRO B 36 18.89 -6.45 -36.69
C PRO B 36 17.38 -6.49 -36.57
N ASP B 37 16.90 -7.19 -35.55
CA ASP B 37 15.47 -7.36 -35.31
C ASP B 37 15.15 -7.02 -33.86
N ASN B 38 14.01 -7.49 -33.38
CA ASN B 38 13.55 -7.17 -32.03
C ASN B 38 14.31 -7.92 -30.95
N TYR B 39 15.20 -8.84 -31.32
CA TYR B 39 16.10 -9.46 -30.35
C TYR B 39 17.48 -8.82 -30.36
N THR B 40 17.69 -7.79 -31.18
CA THR B 40 18.89 -6.98 -31.17
C THR B 40 18.69 -5.64 -30.46
N PHE B 41 17.52 -5.01 -30.64
CA PHE B 41 17.35 -3.63 -30.17
C PHE B 41 17.36 -3.53 -28.65
N PRO B 42 16.65 -4.36 -27.88
CA PRO B 42 16.69 -4.21 -26.41
C PRO B 42 18.09 -4.22 -25.82
N PHE B 43 18.97 -5.07 -26.33
CA PHE B 43 20.32 -5.17 -25.76
C PHE B 43 21.24 -4.07 -26.26
N VAL B 44 21.00 -3.58 -27.48
CA VAL B 44 21.81 -2.48 -27.99
C VAL B 44 21.35 -1.15 -27.40
N LEU B 45 20.06 -1.03 -27.07
CA LEU B 45 19.59 0.15 -26.37
C LEU B 45 20.03 0.13 -24.91
N LYS B 46 20.11 -1.06 -24.31
CA LYS B 46 20.62 -1.17 -22.95
C LYS B 46 22.07 -0.70 -22.87
N ALA B 47 22.88 -1.04 -23.87
CA ALA B 47 24.25 -0.56 -23.91
C ALA B 47 24.30 0.97 -24.00
N CYS B 48 23.37 1.56 -24.75
CA CYS B 48 23.32 3.02 -24.84
C CYS B 48 22.95 3.63 -23.49
N ALA B 49 21.99 3.04 -22.79
CA ALA B 49 21.61 3.55 -21.48
C ALA B 49 22.76 3.43 -20.48
N SER B 50 23.55 2.36 -20.59
CA SER B 50 24.69 2.17 -19.70
C SER B 50 25.74 3.26 -19.91
N LEU B 51 26.07 3.53 -21.17
CA LEU B 51 27.01 4.61 -21.49
C LEU B 51 26.38 5.99 -21.40
N SER B 52 25.05 6.07 -21.26
CA SER B 52 24.33 7.33 -21.23
C SER B 52 24.62 8.17 -22.47
N SER B 53 24.73 7.50 -23.62
CA SER B 53 25.02 8.14 -24.89
C SER B 53 23.71 8.30 -25.65
N LEU B 54 23.15 9.51 -25.59
CA LEU B 54 21.85 9.77 -26.19
C LEU B 54 21.92 9.74 -27.72
N LYS B 55 23.04 10.16 -28.29
CA LYS B 55 23.15 10.22 -29.75
C LYS B 55 23.00 8.85 -30.38
N GLU B 56 23.75 7.87 -29.88
CA GLU B 56 23.65 6.51 -30.42
C GLU B 56 22.26 5.94 -30.21
N GLY B 57 21.68 6.16 -29.03
CA GLY B 57 20.33 5.67 -28.78
C GLY B 57 19.30 6.28 -29.70
N LYS B 58 19.45 7.57 -30.01
CA LYS B 58 18.55 8.21 -30.96
C LYS B 58 18.72 7.62 -32.36
N GLN B 59 19.94 7.22 -32.72
CA GLN B 59 20.16 6.56 -34.00
C GLN B 59 19.39 5.24 -34.07
N ILE B 60 19.57 4.38 -33.07
CA ILE B 60 18.91 3.07 -33.06
C ILE B 60 17.40 3.24 -33.06
N HIS B 61 16.89 4.27 -32.38
CA HIS B 61 15.46 4.56 -32.46
C HIS B 61 15.02 4.76 -33.90
N GLY B 62 15.82 5.48 -34.68
CA GLY B 62 15.53 5.61 -36.10
C GLY B 62 15.59 4.27 -36.81
N HIS B 63 16.58 3.44 -36.47
CA HIS B 63 16.62 2.08 -37.01
C HIS B 63 15.38 1.29 -36.63
N VAL B 64 14.87 1.51 -35.43
CA VAL B 64 13.67 0.81 -34.97
C VAL B 64 12.46 1.22 -35.82
N ILE B 65 12.34 2.52 -36.10
CA ILE B 65 11.18 3.00 -36.87
C ILE B 65 11.23 2.45 -38.29
N LYS B 66 12.40 2.48 -38.92
CA LYS B 66 12.51 2.03 -40.31
C LYS B 66 12.40 0.52 -40.46
N SER B 67 12.50 -0.24 -39.36
CA SER B 67 12.36 -1.69 -39.42
C SER B 67 10.97 -2.16 -39.03
N GLY B 68 10.05 -1.25 -38.74
CA GLY B 68 8.69 -1.63 -38.39
C GLY B 68 8.55 -2.32 -37.06
N PHE B 69 9.37 -1.95 -36.07
CA PHE B 69 9.32 -2.56 -34.75
C PHE B 69 8.84 -1.59 -33.68
N GLU B 70 8.16 -0.51 -34.08
CA GLU B 70 7.63 0.44 -33.12
C GLU B 70 6.50 -0.12 -32.28
N SER B 71 6.00 -1.32 -32.61
CA SER B 71 4.93 -1.94 -31.84
C SER B 71 5.43 -2.98 -30.84
N ASP B 72 6.66 -3.47 -31.01
CA ASP B 72 7.19 -4.51 -30.12
C ASP B 72 7.40 -3.95 -28.72
N VAL B 73 6.83 -4.65 -27.73
CA VAL B 73 6.87 -4.14 -26.36
C VAL B 73 8.29 -4.19 -25.80
N TYR B 74 9.10 -5.17 -26.21
CA TYR B 74 10.47 -5.25 -25.71
C TYR B 74 11.31 -4.09 -26.23
N VAL B 75 11.11 -3.70 -27.49
CA VAL B 75 11.87 -2.61 -28.07
C VAL B 75 11.43 -1.29 -27.46
N GLN B 76 10.11 -1.08 -27.34
CA GLN B 76 9.60 0.17 -26.80
C GLN B 76 9.99 0.35 -25.34
N SER B 77 9.90 -0.73 -24.54
CA SER B 77 10.33 -0.66 -23.16
C SER B 77 11.83 -0.34 -23.06
N ALA B 78 12.63 -0.89 -23.97
CA ALA B 78 14.05 -0.57 -24.00
C ALA B 78 14.28 0.88 -24.41
N LEU B 79 13.42 1.43 -25.27
CA LEU B 79 13.52 2.84 -25.63
C LEU B 79 13.22 3.73 -24.43
N ILE B 80 12.19 3.36 -23.65
CA ILE B 80 11.87 4.11 -22.43
C ILE B 80 13.07 4.16 -21.51
N ASP B 81 13.68 2.99 -21.25
CA ASP B 81 14.83 2.94 -20.35
C ASP B 81 15.99 3.76 -20.89
N MET B 82 16.25 3.70 -22.20
CA MET B 82 17.37 4.43 -22.79
C MET B 82 17.24 5.94 -22.54
N TYR B 83 16.08 6.50 -22.86
CA TYR B 83 15.89 7.94 -22.68
C TYR B 83 15.98 8.34 -21.21
N ALA B 84 15.42 7.51 -20.33
CA ALA B 84 15.42 7.82 -18.91
C ALA B 84 16.84 7.87 -18.35
N LYS B 85 17.66 6.87 -18.70
CA LYS B 85 19.04 6.85 -18.22
C LYS B 85 19.90 7.92 -18.87
N CYS B 86 19.44 8.51 -19.97
CA CYS B 86 20.13 9.63 -20.60
C CYS B 86 19.61 10.98 -20.13
N GLY B 87 18.67 11.00 -19.19
CA GLY B 87 18.15 12.24 -18.64
C GLY B 87 17.01 12.86 -19.41
N GLU B 88 16.45 12.17 -20.40
CA GLU B 88 15.39 12.70 -21.23
C GLU B 88 14.06 12.05 -20.85
N LEU B 89 13.55 12.45 -19.69
CA LEU B 89 12.29 11.90 -19.21
C LEU B 89 11.13 12.30 -20.11
N GLU B 90 11.23 13.45 -20.77
CA GLU B 90 10.21 13.87 -21.71
C GLU B 90 10.15 12.94 -22.91
N ASP B 91 11.32 12.59 -23.47
CA ASP B 91 11.35 11.63 -24.56
C ASP B 91 10.91 10.25 -24.10
N ALA B 92 11.28 9.86 -22.88
CA ALA B 92 10.88 8.56 -22.35
C ALA B 92 9.38 8.50 -22.15
N ARG B 93 8.80 9.54 -21.53
CA ARG B 93 7.35 9.59 -21.37
C ARG B 93 6.63 9.59 -22.71
N LYS B 94 7.26 10.17 -23.74
CA LYS B 94 6.66 10.16 -25.07
C LYS B 94 6.55 8.74 -25.59
N VAL B 95 7.63 7.97 -25.50
CA VAL B 95 7.59 6.57 -25.94
C VAL B 95 6.59 5.79 -25.09
N PHE B 96 6.59 6.03 -23.78
CA PHE B 96 5.68 5.33 -22.88
C PHE B 96 4.22 5.63 -23.25
N ASP B 97 3.91 6.90 -23.49
CA ASP B 97 2.51 7.28 -23.74
C ASP B 97 2.01 6.76 -25.08
N GLU B 98 2.88 6.73 -26.09
CA GLU B 98 2.48 6.36 -27.44
C GLU B 98 2.60 4.86 -27.70
N MET B 99 2.82 4.04 -26.67
CA MET B 99 2.91 2.61 -26.87
C MET B 99 1.52 2.03 -27.15
N PRO B 100 1.43 1.03 -28.04
CA PRO B 100 0.15 0.36 -28.25
C PRO B 100 -0.16 -0.64 -27.13
N GLU B 101 0.87 -1.33 -26.64
CA GLU B 101 0.72 -2.30 -25.56
C GLU B 101 1.90 -2.18 -24.61
N ARG B 102 1.61 -2.27 -23.31
CA ARG B 102 2.63 -2.24 -22.28
C ARG B 102 2.45 -3.41 -21.33
N ASN B 103 3.52 -3.78 -20.66
CA ASN B 103 3.48 -4.72 -19.55
C ASN B 103 4.08 -4.07 -18.31
N VAL B 104 4.38 -4.89 -17.30
CA VAL B 104 4.92 -4.36 -16.05
C VAL B 104 6.29 -3.74 -16.26
N VAL B 105 7.09 -4.30 -17.16
CA VAL B 105 8.46 -3.83 -17.35
C VAL B 105 8.46 -2.43 -17.96
N SER B 106 7.53 -2.15 -18.88
CA SER B 106 7.43 -0.83 -19.46
C SER B 106 7.03 0.21 -18.42
N TRP B 107 6.07 -0.12 -17.56
CA TRP B 107 5.74 0.76 -16.45
C TRP B 107 6.94 0.96 -15.54
N ASN B 108 7.56 -0.14 -15.12
CA ASN B 108 8.70 -0.08 -14.20
C ASN B 108 9.82 0.79 -14.75
N ALA B 109 10.07 0.72 -16.06
CA ALA B 109 11.09 1.56 -16.66
C ALA B 109 10.74 3.04 -16.52
N MET B 110 9.46 3.38 -16.63
CA MET B 110 9.02 4.75 -16.42
C MET B 110 9.17 5.16 -14.96
N ILE B 111 8.60 4.36 -14.04
CA ILE B 111 8.67 4.69 -12.61
C ILE B 111 10.12 4.83 -12.18
N SER B 112 10.96 3.86 -12.53
CA SER B 112 12.38 3.97 -12.21
C SER B 112 13.02 5.16 -12.92
N GLY B 113 12.56 5.46 -14.13
CA GLY B 113 13.04 6.63 -14.84
C GLY B 113 12.83 7.91 -14.05
N TYR B 114 11.58 8.17 -13.67
CA TYR B 114 11.29 9.34 -12.86
C TYR B 114 12.08 9.32 -11.55
N ALA B 115 12.01 8.20 -10.83
CA ALA B 115 12.61 8.12 -9.50
C ALA B 115 14.13 8.32 -9.55
N GLN B 116 14.77 7.93 -10.65
CA GLN B 116 16.22 8.03 -10.74
C GLN B 116 16.71 9.41 -11.17
N ASN B 117 15.82 10.27 -11.67
CA ASN B 117 16.20 11.61 -12.10
C ASN B 117 15.47 12.68 -11.28
N GLY B 118 15.35 12.46 -9.97
CA GLY B 118 14.88 13.49 -9.07
C GLY B 118 13.41 13.85 -9.19
N GLN B 119 12.58 12.94 -9.68
CA GLN B 119 11.15 13.20 -9.75
C GLN B 119 10.36 12.14 -8.98
N SER B 120 10.70 11.97 -7.69
CA SER B 120 10.10 10.90 -6.90
C SER B 120 8.59 11.06 -6.81
N GLU B 121 8.11 12.31 -6.69
CA GLU B 121 6.66 12.52 -6.65
C GLU B 121 6.00 12.11 -7.96
N GLU B 122 6.72 12.25 -9.08
CA GLU B 122 6.18 11.78 -10.35
C GLU B 122 6.16 10.26 -10.43
N ALA B 123 7.17 9.62 -9.85
CA ALA B 123 7.22 8.16 -9.86
C ALA B 123 6.09 7.55 -9.04
N LEU B 124 5.83 8.10 -7.85
CA LEU B 124 4.73 7.61 -7.03
C LEU B 124 3.38 7.94 -7.64
N GLU B 125 3.26 9.09 -8.30
CA GLU B 125 2.00 9.45 -8.96
C GLU B 125 1.69 8.47 -10.09
N LEU B 126 2.70 8.06 -10.85
CA LEU B 126 2.47 7.09 -11.91
C LEU B 126 2.26 5.69 -11.35
N PHE B 127 2.82 5.41 -10.17
CA PHE B 127 2.57 4.12 -9.52
C PHE B 127 1.11 3.99 -9.12
N ARG B 128 0.53 5.06 -8.55
CA ARG B 128 -0.88 5.02 -8.19
C ARG B 128 -1.76 4.90 -9.43
N GLU B 129 -1.37 5.55 -10.53
CA GLU B 129 -2.09 5.40 -11.78
C GLU B 129 -1.97 3.98 -12.33
N MET B 130 -0.89 3.29 -11.99
CA MET B 130 -0.70 1.92 -12.45
C MET B 130 -1.58 0.94 -11.66
N GLN B 131 -1.76 1.20 -10.36
CA GLN B 131 -2.68 0.37 -9.58
C GLN B 131 -4.09 0.44 -10.15
N GLN B 132 -4.54 1.65 -10.52
CA GLN B 132 -5.90 1.81 -11.04
C GLN B 132 -6.10 1.06 -12.35
N GLU B 133 -5.12 1.14 -13.24
CA GLU B 133 -5.21 0.40 -14.51
C GLU B 133 -5.13 -1.10 -14.31
N GLY B 134 -4.76 -1.58 -13.12
CA GLY B 134 -4.82 -2.99 -12.82
C GLY B 134 -3.66 -3.80 -13.33
N ILE B 135 -2.43 -3.30 -13.20
CA ILE B 135 -1.23 -4.06 -13.51
C ILE B 135 -0.62 -4.49 -12.18
N LYS B 136 -0.61 -5.80 -11.93
CA LYS B 136 -0.03 -6.34 -10.71
C LYS B 136 1.47 -6.03 -10.69
N PRO B 137 1.96 -5.27 -9.71
CA PRO B 137 3.37 -4.90 -9.71
C PRO B 137 4.28 -6.09 -9.44
N SER B 138 5.54 -5.92 -9.80
CA SER B 138 6.58 -6.91 -9.57
C SER B 138 7.55 -6.40 -8.51
N GLU B 139 8.49 -7.27 -8.13
CA GLU B 139 9.52 -6.87 -7.17
C GLU B 139 10.35 -5.72 -7.72
N PHE B 140 10.44 -5.59 -9.04
CA PHE B 140 11.10 -4.43 -9.63
C PHE B 140 10.34 -3.15 -9.32
N THR B 141 9.01 -3.20 -9.41
CA THR B 141 8.19 -2.02 -9.13
C THR B 141 8.38 -1.55 -7.71
N PHE B 142 8.32 -2.48 -6.75
CA PHE B 142 8.37 -2.10 -5.34
C PHE B 142 9.72 -1.51 -4.96
N CYS B 143 10.80 -2.03 -5.54
CA CYS B 143 12.13 -1.49 -5.26
C CYS B 143 12.24 -0.04 -5.73
N SER B 144 11.59 0.30 -6.84
CA SER B 144 11.68 1.65 -7.37
C SER B 144 10.84 2.62 -6.53
N VAL B 145 9.60 2.22 -6.19
CA VAL B 145 8.75 3.09 -5.39
C VAL B 145 9.26 3.19 -3.95
N LEU B 146 10.07 2.24 -3.51
CA LEU B 146 10.68 2.33 -2.19
C LEU B 146 11.82 3.35 -2.15
N SER B 147 12.59 3.46 -3.24
CA SER B 147 13.62 4.49 -3.31
C SER B 147 13.01 5.87 -3.48
N ALA B 148 11.84 5.95 -4.11
CA ALA B 148 11.14 7.24 -4.21
C ALA B 148 10.60 7.67 -2.86
N CYS B 149 10.06 6.73 -2.08
CA CYS B 149 9.63 7.04 -0.73
C CYS B 149 10.81 7.48 0.14
N ALA B 150 11.97 6.85 -0.06
CA ALA B 150 13.15 7.22 0.71
C ALA B 150 13.66 8.61 0.31
N SER B 151 13.43 9.02 -0.94
CA SER B 151 13.86 10.34 -1.38
C SER B 151 12.95 11.43 -0.82
N LEU B 152 11.63 11.21 -0.86
CA LEU B 152 10.67 12.17 -0.33
C LEU B 152 10.58 12.14 1.19
N GLY B 153 11.15 11.12 1.84
CA GLY B 153 11.03 10.99 3.27
C GLY B 153 9.63 10.70 3.76
N SER B 154 8.71 10.34 2.87
CA SER B 154 7.32 10.09 3.22
C SER B 154 7.21 8.70 3.84
N LEU B 155 7.13 8.66 5.18
CA LEU B 155 7.10 7.38 5.88
C LEU B 155 5.75 6.68 5.71
N GLU B 156 4.65 7.44 5.65
CA GLU B 156 3.33 6.81 5.60
C GLU B 156 3.10 6.11 4.27
N MET B 157 3.57 6.71 3.16
CA MET B 157 3.55 5.99 1.89
C MET B 157 4.49 4.79 1.92
N GLY B 158 5.60 4.89 2.67
CA GLY B 158 6.50 3.77 2.78
C GLY B 158 5.86 2.58 3.48
N LYS B 159 5.16 2.83 4.59
CA LYS B 159 4.48 1.76 5.31
C LYS B 159 3.42 1.10 4.44
N GLN B 160 2.70 1.89 3.64
CA GLN B 160 1.67 1.33 2.77
C GLN B 160 2.27 0.38 1.75
N ILE B 161 3.38 0.77 1.12
CA ILE B 161 3.98 -0.08 0.11
C ILE B 161 4.59 -1.32 0.75
N HIS B 162 5.16 -1.18 1.95
CA HIS B 162 5.68 -2.33 2.68
C HIS B 162 4.58 -3.36 2.90
N GLY B 163 3.41 -2.93 3.35
CA GLY B 163 2.29 -3.84 3.49
C GLY B 163 1.84 -4.40 2.16
N TYR B 164 1.91 -3.58 1.10
CA TYR B 164 1.64 -4.06 -0.25
C TYR B 164 2.67 -5.12 -0.66
N VAL B 165 3.93 -4.91 -0.30
CA VAL B 165 4.97 -5.90 -0.58
C VAL B 165 4.62 -7.23 0.08
N ILE B 166 4.17 -7.18 1.33
CA ILE B 166 3.85 -8.40 2.06
C ILE B 166 2.69 -9.14 1.38
N LYS B 167 1.60 -8.43 1.09
CA LYS B 167 0.45 -9.04 0.45
C LYS B 167 0.72 -9.43 -0.99
N SER B 168 1.83 -9.00 -1.57
CA SER B 168 2.21 -9.41 -2.92
C SER B 168 3.19 -10.58 -2.93
N GLY B 169 3.68 -11.00 -1.77
CA GLY B 169 4.56 -12.15 -1.67
C GLY B 169 6.03 -11.86 -1.96
N PHE B 170 6.44 -10.60 -1.96
CA PHE B 170 7.81 -10.22 -2.25
C PHE B 170 8.62 -9.88 -1.01
N GLU B 171 8.12 -10.23 0.18
CA GLU B 171 8.78 -9.80 1.41
C GLU B 171 10.16 -10.42 1.57
N SER B 172 10.35 -11.65 1.10
CA SER B 172 11.63 -12.33 1.25
C SER B 172 12.62 -12.03 0.14
N ILE B 173 12.21 -11.28 -0.89
CA ILE B 173 13.13 -10.90 -1.95
C ILE B 173 14.19 -9.98 -1.36
N VAL B 174 15.45 -10.40 -1.43
CA VAL B 174 16.54 -9.69 -0.76
C VAL B 174 16.63 -8.25 -1.26
N PHE B 175 16.30 -8.00 -2.53
CA PHE B 175 16.34 -6.65 -3.06
C PHE B 175 15.28 -5.77 -2.41
N VAL B 176 14.07 -6.31 -2.23
CA VAL B 176 13.01 -5.55 -1.57
C VAL B 176 13.35 -5.32 -0.10
N GLY B 177 13.99 -6.30 0.53
CA GLY B 177 14.40 -6.13 1.92
C GLY B 177 15.40 -5.02 2.09
N ASN B 178 16.40 -4.97 1.21
CA ASN B 178 17.40 -3.91 1.27
C ASN B 178 16.77 -2.54 1.05
N ALA B 179 15.81 -2.47 0.12
CA ALA B 179 15.14 -1.19 -0.14
C ALA B 179 14.28 -0.76 1.05
N LEU B 180 13.75 -1.72 1.81
CA LEU B 180 12.98 -1.38 2.99
C LEU B 180 13.87 -0.83 4.10
N ILE B 181 15.05 -1.42 4.28
CA ILE B 181 16.01 -0.90 5.25
C ILE B 181 16.36 0.54 4.92
N ASP B 182 16.61 0.83 3.64
CA ASP B 182 16.98 2.18 3.22
C ASP B 182 15.82 3.15 3.44
N MET B 183 14.61 2.76 3.04
CA MET B 183 13.46 3.67 3.12
C MET B 183 13.13 4.01 4.57
N TYR B 184 13.11 3.01 5.45
CA TYR B 184 12.78 3.26 6.85
C TYR B 184 13.82 4.16 7.51
N ALA B 185 15.10 3.95 7.18
CA ALA B 185 16.16 4.75 7.79
C ALA B 185 16.07 6.21 7.36
N LYS B 186 15.91 6.45 6.05
CA LYS B 186 15.80 7.80 5.53
C LYS B 186 14.45 8.44 5.80
N CYS B 187 13.53 7.74 6.45
CA CYS B 187 12.23 8.29 6.82
C CYS B 187 12.07 8.47 8.31
N GLY B 188 13.15 8.33 9.09
CA GLY B 188 13.15 8.59 10.51
C GLY B 188 12.97 7.36 11.37
N SER B 189 12.29 6.33 10.87
CA SER B 189 12.01 5.13 11.64
C SER B 189 13.20 4.17 11.53
N ILE B 190 14.23 4.45 12.33
CA ILE B 190 15.43 3.62 12.32
C ILE B 190 15.14 2.25 12.92
N GLU B 191 14.23 2.18 13.90
CA GLU B 191 13.93 0.91 14.55
C GLU B 191 13.22 -0.04 13.60
N ASP B 192 12.34 0.49 12.73
CA ASP B 192 11.68 -0.37 11.75
C ASP B 192 12.66 -0.88 10.71
N ALA B 193 13.71 -0.12 10.42
CA ALA B 193 14.75 -0.61 9.51
C ALA B 193 15.52 -1.75 10.14
N ARG B 194 15.86 -1.63 11.43
CA ARG B 194 16.52 -2.73 12.13
C ARG B 194 15.63 -3.96 12.21
N LYS B 195 14.31 -3.76 12.24
CA LYS B 195 13.38 -4.88 12.24
C LYS B 195 13.48 -5.66 10.93
N VAL B 196 13.50 -4.94 9.80
CA VAL B 196 13.64 -5.60 8.50
C VAL B 196 15.01 -6.25 8.38
N PHE B 197 16.06 -5.56 8.85
CA PHE B 197 17.41 -6.12 8.78
C PHE B 197 17.52 -7.42 9.56
N ASP B 198 16.88 -7.48 10.73
CA ASP B 198 17.01 -8.65 11.58
C ASP B 198 16.17 -9.83 11.11
N GLU B 199 15.04 -9.57 10.46
CA GLU B 199 14.15 -10.63 10.00
C GLU B 199 14.48 -11.12 8.59
N MET B 200 15.45 -10.54 7.94
CA MET B 200 15.79 -10.94 6.58
C MET B 200 16.40 -12.35 6.58
N PRO B 201 15.90 -13.27 5.74
CA PRO B 201 16.54 -14.59 5.68
C PRO B 201 17.95 -14.52 5.13
N GLU B 202 18.20 -13.67 4.14
CA GLU B 202 19.51 -13.50 3.55
C GLU B 202 19.93 -12.04 3.67
N ARG B 203 21.19 -11.82 4.06
CA ARG B 203 21.75 -10.48 4.22
C ARG B 203 23.03 -10.38 3.42
N THR B 204 22.99 -9.63 2.33
CA THR B 204 24.17 -9.40 1.51
C THR B 204 24.98 -8.23 2.08
N VAL B 205 26.02 -7.81 1.37
CA VAL B 205 26.79 -6.65 1.80
C VAL B 205 25.95 -5.39 1.71
N VAL B 206 24.96 -5.37 0.81
CA VAL B 206 24.06 -4.22 0.73
C VAL B 206 23.18 -4.14 1.96
N SER B 207 22.81 -5.29 2.54
CA SER B 207 21.94 -5.29 3.71
C SER B 207 22.63 -4.65 4.91
N TRP B 208 23.87 -5.03 5.19
CA TRP B 208 24.58 -4.46 6.31
C TRP B 208 24.95 -2.99 6.06
N THR B 209 25.25 -2.64 4.81
CA THR B 209 25.64 -1.26 4.50
C THR B 209 24.47 -0.31 4.70
N ALA B 210 23.29 -0.68 4.21
CA ALA B 210 22.12 0.17 4.39
C ALA B 210 21.77 0.33 5.87
N MET B 211 22.04 -0.69 6.68
CA MET B 211 21.80 -0.59 8.11
C MET B 211 22.88 0.24 8.80
N ILE B 212 24.14 0.06 8.41
CA ILE B 212 25.22 0.86 8.98
C ILE B 212 25.08 2.32 8.60
N SER B 213 24.74 2.59 7.33
CA SER B 213 24.54 3.96 6.89
C SER B 213 23.36 4.61 7.60
N GLY B 214 22.33 3.83 7.94
CA GLY B 214 21.23 4.38 8.69
C GLY B 214 21.63 4.78 10.10
N TYR B 215 22.42 3.93 10.77
CA TYR B 215 22.88 4.26 12.10
C TYR B 215 23.86 5.43 12.10
N ALA B 216 24.68 5.54 11.05
CA ALA B 216 25.67 6.62 10.99
C ALA B 216 25.01 7.96 10.70
N GLN B 217 24.07 7.99 9.74
CA GLN B 217 23.37 9.22 9.42
C GLN B 217 22.35 9.62 10.48
N ASN B 218 22.18 8.83 11.53
CA ASN B 218 21.29 9.15 12.64
C ASN B 218 22.03 9.49 13.91
N GLY B 219 23.35 9.73 13.84
CA GLY B 219 24.15 10.03 14.99
C GLY B 219 24.55 8.84 15.83
N GLN B 220 23.93 7.67 15.63
CA GLN B 220 24.29 6.46 16.36
C GLN B 220 25.57 5.85 15.78
N SER B 221 26.64 6.63 15.86
CA SER B 221 27.91 6.20 15.28
C SER B 221 28.46 4.96 15.97
N GLU B 222 28.10 4.74 17.23
CA GLU B 222 28.61 3.56 17.93
C GLU B 222 27.94 2.29 17.42
N GLU B 223 26.61 2.31 17.29
CA GLU B 223 25.92 1.14 16.75
C GLU B 223 26.32 0.88 15.32
N ALA B 224 26.64 1.94 14.55
CA ALA B 224 27.13 1.74 13.19
C ALA B 224 28.47 1.03 13.19
N LEU B 225 29.35 1.39 14.13
CA LEU B 225 30.64 0.71 14.23
C LEU B 225 30.50 -0.70 14.76
N GLU B 226 29.69 -0.89 15.81
CA GLU B 226 29.46 -2.23 16.33
C GLU B 226 28.88 -3.15 15.28
N LEU B 227 27.95 -2.64 14.46
CA LEU B 227 27.40 -3.44 13.37
C LEU B 227 28.44 -3.71 12.30
N PHE B 228 29.40 -2.80 12.11
CA PHE B 228 30.48 -3.05 11.16
C PHE B 228 31.39 -4.17 11.66
N ARG B 229 31.63 -4.23 12.96
CA ARG B 229 32.46 -5.30 13.52
C ARG B 229 31.72 -6.63 13.48
N GLU B 230 30.40 -6.63 13.76
CA GLU B 230 29.62 -7.85 13.65
C GLU B 230 29.57 -8.34 12.21
N MET B 231 29.45 -7.42 11.25
CA MET B 231 29.53 -7.79 9.83
C MET B 231 30.80 -8.58 9.54
N GLN B 232 31.93 -8.17 10.14
CA GLN B 232 33.17 -8.88 9.91
C GLN B 232 33.18 -10.24 10.60
N ARG B 233 32.58 -10.32 11.79
CA ARG B 233 32.50 -11.60 12.50
C ARG B 233 31.64 -12.59 11.73
N GLU B 234 30.59 -12.10 11.07
CA GLU B 234 29.70 -12.96 10.29
C GLU B 234 30.30 -13.43 8.98
N GLY B 235 31.47 -12.92 8.60
CA GLY B 235 32.13 -13.34 7.37
C GLY B 235 31.78 -12.53 6.15
N VAL B 236 31.05 -11.43 6.29
CA VAL B 236 30.66 -10.59 5.17
C VAL B 236 31.76 -9.56 4.94
N LYS B 237 32.46 -9.67 3.82
CA LYS B 237 33.56 -8.76 3.53
C LYS B 237 33.02 -7.43 3.01
N PRO B 238 33.41 -6.30 3.61
CA PRO B 238 32.88 -5.01 3.15
C PRO B 238 33.52 -4.59 1.84
N ASP B 239 32.70 -4.00 0.97
CA ASP B 239 33.18 -3.46 -0.30
C ASP B 239 33.40 -1.96 -0.18
N GLU B 240 33.63 -1.30 -1.32
CA GLU B 240 33.97 0.11 -1.32
C GLU B 240 32.78 1.02 -1.00
N VAL B 241 31.57 0.48 -0.93
CA VAL B 241 30.41 1.29 -0.56
C VAL B 241 30.12 1.21 0.94
N THR B 242 30.57 0.16 1.62
CA THR B 242 30.38 0.07 3.06
C THR B 242 31.30 1.04 3.80
N LEU B 243 32.53 1.20 3.30
CA LEU B 243 33.55 1.92 4.07
C LEU B 243 33.25 3.41 4.27
N PRO B 244 32.75 4.17 3.29
CA PRO B 244 32.50 5.60 3.54
C PRO B 244 31.58 5.86 4.72
N SER B 245 30.51 5.07 4.88
CA SER B 245 29.60 5.29 6.00
C SER B 245 30.27 4.94 7.32
N VAL B 246 31.11 3.91 7.34
CA VAL B 246 31.78 3.52 8.58
C VAL B 246 32.95 4.43 8.90
N LEU B 247 33.47 5.18 7.93
CA LEU B 247 34.54 6.13 8.22
C LEU B 247 33.99 7.44 8.76
N SER B 248 32.83 7.86 8.26
CA SER B 248 32.20 9.07 8.79
C SER B 248 31.83 8.89 10.26
N ALA B 249 31.39 7.69 10.63
CA ALA B 249 31.14 7.40 12.04
C ALA B 249 32.44 7.31 12.82
N CYS B 250 33.52 6.86 12.18
CA CYS B 250 34.84 6.93 12.81
C CYS B 250 35.23 8.37 13.10
N ALA B 251 34.92 9.28 12.16
CA ALA B 251 35.20 10.69 12.38
C ALA B 251 34.38 11.25 13.52
N ASN B 252 33.10 10.89 13.58
CA ASN B 252 32.22 11.43 14.62
C ASN B 252 32.62 10.99 16.02
N LEU B 253 33.34 9.86 16.15
CA LEU B 253 33.75 9.35 17.44
C LEU B 253 35.23 9.59 17.73
N GLY B 254 36.00 10.08 16.76
CA GLY B 254 37.43 10.17 16.94
C GLY B 254 38.13 8.83 17.01
N ALA B 255 37.60 7.84 16.29
CA ALA B 255 38.21 6.50 16.24
C ALA B 255 39.29 6.49 15.17
N LEU B 256 40.40 7.16 15.48
CA LEU B 256 41.50 7.26 14.54
C LEU B 256 42.13 5.90 14.26
N GLU B 257 42.34 5.10 15.31
CA GLU B 257 42.96 3.79 15.12
C GLU B 257 42.08 2.89 14.27
N GLN B 258 40.77 2.92 14.48
CA GLN B 258 39.86 2.15 13.64
C GLN B 258 39.88 2.67 12.20
N GLY B 259 39.81 3.99 12.04
CA GLY B 259 39.83 4.56 10.71
C GLY B 259 41.12 4.30 9.95
N LYS B 260 42.24 4.25 10.66
CA LYS B 260 43.52 3.96 10.01
C LYS B 260 43.55 2.53 9.47
N GLN B 261 43.08 1.58 10.26
CA GLN B 261 43.03 0.20 9.80
C GLN B 261 42.07 0.04 8.62
N ILE B 262 41.02 0.84 8.57
CA ILE B 262 40.14 0.86 7.41
C ILE B 262 40.89 1.36 6.18
N HIS B 263 41.81 2.31 6.37
CA HIS B 263 42.64 2.76 5.26
C HIS B 263 43.56 1.65 4.78
N ALA B 264 44.12 0.88 5.71
CA ALA B 264 44.96 -0.26 5.33
C ALA B 264 44.15 -1.26 4.52
N TYR B 265 42.90 -1.51 4.92
CA TYR B 265 42.04 -2.40 4.16
C TYR B 265 41.69 -1.81 2.79
N VAL B 266 41.55 -0.49 2.70
CA VAL B 266 41.29 0.15 1.41
C VAL B 266 42.46 -0.08 0.46
N ILE B 267 43.69 0.06 0.97
CA ILE B 267 44.87 -0.16 0.14
C ILE B 267 45.00 -1.63 -0.22
N LYS B 268 44.78 -2.53 0.76
CA LYS B 268 44.95 -3.95 0.53
C LYS B 268 43.97 -4.47 -0.52
N SER B 269 42.76 -3.90 -0.59
CA SER B 269 41.74 -4.35 -1.51
C SER B 269 41.69 -3.53 -2.78
N GLY B 270 42.63 -2.62 -2.99
CA GLY B 270 42.65 -1.81 -4.20
C GLY B 270 41.47 -0.88 -4.33
N PHE B 271 41.02 -0.31 -3.21
CA PHE B 271 39.90 0.61 -3.18
C PHE B 271 40.33 2.07 -3.24
N GLU B 272 41.63 2.34 -3.35
CA GLU B 272 42.14 3.70 -3.19
C GLU B 272 41.67 4.66 -4.29
N SER B 273 41.32 4.14 -5.46
CA SER B 273 40.92 5.00 -6.57
C SER B 273 39.48 5.49 -6.46
N ASP B 274 38.74 5.07 -5.42
CA ASP B 274 37.32 5.41 -5.31
C ASP B 274 37.17 6.79 -4.68
N VAL B 275 36.32 7.62 -5.29
CA VAL B 275 36.16 9.00 -4.82
C VAL B 275 35.43 9.04 -3.49
N PHE B 276 34.38 8.23 -3.34
CA PHE B 276 33.64 8.20 -2.07
C PHE B 276 34.54 7.77 -0.93
N VAL B 277 35.34 6.73 -1.15
CA VAL B 277 36.32 6.31 -0.15
C VAL B 277 37.31 7.44 0.12
N GLY B 278 37.88 8.01 -0.94
CA GLY B 278 38.88 9.05 -0.76
C GLY B 278 38.39 10.23 0.07
N SER B 279 37.23 10.78 -0.30
CA SER B 279 36.70 11.92 0.44
C SER B 279 36.40 11.56 1.89
N ALA B 280 35.90 10.33 2.12
CA ALA B 280 35.65 9.89 3.49
C ALA B 280 36.95 9.70 4.27
N LEU B 281 38.01 9.26 3.61
CA LEU B 281 39.32 9.19 4.27
C LEU B 281 39.81 10.58 4.65
N ILE B 282 39.64 11.55 3.76
CA ILE B 282 40.06 12.92 4.06
C ILE B 282 39.27 13.46 5.24
N ASP B 283 37.95 13.28 5.23
CA ASP B 283 37.13 13.76 6.33
C ASP B 283 37.50 13.11 7.65
N MET B 284 37.77 11.80 7.62
CA MET B 284 38.12 11.09 8.86
C MET B 284 39.45 11.59 9.43
N TYR B 285 40.48 11.66 8.59
CA TYR B 285 41.80 12.09 9.07
C TYR B 285 41.75 13.52 9.58
N ALA B 286 40.96 14.38 8.92
CA ALA B 286 40.87 15.77 9.34
C ALA B 286 40.13 15.91 10.66
N LYS B 287 38.95 15.29 10.75
CA LYS B 287 38.14 15.39 11.97
C LYS B 287 38.74 14.62 13.14
N CYS B 288 39.73 13.77 12.90
CA CYS B 288 40.43 13.08 13.97
C CYS B 288 41.71 13.80 14.41
N GLY B 289 42.09 14.86 13.71
CA GLY B 289 43.20 15.68 14.13
C GLY B 289 44.53 15.44 13.42
N SER B 290 44.51 14.96 12.17
CA SER B 290 45.73 14.71 11.41
C SER B 290 45.50 15.23 9.99
N ILE B 291 45.92 16.47 9.76
CA ILE B 291 45.70 17.11 8.46
C ILE B 291 46.70 16.60 7.41
N GLU B 292 47.87 16.14 7.85
CA GLU B 292 48.89 15.68 6.91
C GLU B 292 48.45 14.41 6.19
N ASP B 293 47.92 13.44 6.94
CA ASP B 293 47.43 12.22 6.32
C ASP B 293 46.25 12.49 5.41
N ALA B 294 45.42 13.49 5.75
CA ALA B 294 44.33 13.88 4.87
C ALA B 294 44.87 14.42 3.55
N ARG B 295 45.99 15.13 3.60
CA ARG B 295 46.62 15.62 2.37
C ARG B 295 47.23 14.49 1.56
N LYS B 296 47.83 13.51 2.23
CA LYS B 296 48.42 12.37 1.53
C LYS B 296 47.37 11.61 0.74
N VAL B 297 46.21 11.37 1.36
CA VAL B 297 45.11 10.70 0.65
C VAL B 297 44.67 11.53 -0.54
N PHE B 298 44.54 12.84 -0.35
CA PHE B 298 44.10 13.72 -1.44
C PHE B 298 45.08 13.73 -2.60
N ASP B 299 46.38 13.60 -2.31
CA ASP B 299 47.38 13.65 -3.38
C ASP B 299 47.38 12.36 -4.20
N LYS B 300 47.32 11.22 -3.54
CA LYS B 300 47.35 9.93 -4.22
C LYS B 300 46.02 9.58 -4.88
N MET B 301 45.03 10.45 -4.83
CA MET B 301 43.76 10.19 -5.50
C MET B 301 43.92 10.38 -7.01
N PRO B 302 43.68 9.36 -7.81
CA PRO B 302 43.79 9.55 -9.28
C PRO B 302 42.78 10.55 -9.82
N GLU B 303 41.51 10.41 -9.45
CA GLU B 303 40.44 11.31 -9.88
C GLU B 303 39.82 11.96 -8.66
N ARG B 304 39.48 13.23 -8.79
CA ARG B 304 38.95 14.02 -7.68
C ARG B 304 37.68 14.73 -8.12
N ASP B 305 36.56 14.39 -7.49
CA ASP B 305 35.30 15.08 -7.77
C ASP B 305 35.17 16.30 -6.86
N VAL B 306 34.07 17.04 -7.02
CA VAL B 306 33.87 18.27 -6.25
C VAL B 306 33.81 17.97 -4.76
N VAL B 307 33.22 16.83 -4.39
CA VAL B 307 33.18 16.44 -2.98
C VAL B 307 34.58 16.15 -2.47
N SER B 308 35.43 15.54 -3.30
CA SER B 308 36.81 15.29 -2.89
C SER B 308 37.56 16.60 -2.67
N TRP B 309 37.35 17.58 -3.55
CA TRP B 309 37.92 18.90 -3.35
C TRP B 309 37.30 19.56 -2.13
N ASN B 310 35.97 19.53 -2.02
CA ASN B 310 35.29 20.14 -0.89
C ASN B 310 35.74 19.52 0.43
N ALA B 311 36.03 18.22 0.43
CA ALA B 311 36.49 17.56 1.64
C ALA B 311 37.87 18.06 2.05
N MET B 312 38.79 18.17 1.10
CA MET B 312 40.14 18.63 1.43
C MET B 312 40.14 20.11 1.78
N ILE B 313 39.24 20.89 1.18
CA ILE B 313 39.12 22.31 1.54
C ILE B 313 38.61 22.45 2.97
N ALA B 314 37.55 21.72 3.31
CA ALA B 314 37.04 21.74 4.67
C ALA B 314 38.07 21.18 5.66
N ALA B 315 38.88 20.22 5.21
CA ALA B 315 39.95 19.69 6.05
C ALA B 315 40.92 20.80 6.46
N TYR B 316 41.36 21.61 5.49
CA TYR B 316 42.25 22.72 5.79
C TYR B 316 41.54 23.79 6.61
N ALA B 317 40.29 24.09 6.28
CA ALA B 317 39.52 25.08 7.02
C ALA B 317 39.42 24.70 8.50
N GLN B 318 39.10 23.44 8.78
CA GLN B 318 38.97 22.98 10.15
C GLN B 318 40.27 23.12 10.92
N HIS B 319 41.42 22.99 10.24
CA HIS B 319 42.71 23.06 10.88
C HIS B 319 43.33 24.46 10.81
N GLY B 320 42.53 25.47 10.51
CA GLY B 320 43.01 26.85 10.47
C GLY B 320 43.96 27.17 9.34
N HIS B 321 44.23 26.24 8.42
CA HIS B 321 45.12 26.49 7.29
C HIS B 321 44.34 27.24 6.21
N GLY B 322 44.13 28.54 6.49
CA GLY B 322 43.41 29.40 5.58
C GLY B 322 44.04 29.50 4.21
N LYS B 323 45.30 29.96 4.16
CA LYS B 323 45.98 30.15 2.87
C LYS B 323 45.97 28.87 2.05
N GLU B 324 46.11 27.72 2.71
CA GLU B 324 46.10 26.46 2.00
C GLU B 324 44.72 26.14 1.43
N ALA B 325 43.66 26.61 2.09
CA ALA B 325 42.31 26.38 1.59
C ALA B 325 42.04 27.19 0.33
N LEU B 326 42.48 28.45 0.30
CA LEU B 326 42.30 29.26 -0.91
C LEU B 326 43.19 28.78 -2.05
N GLN B 327 44.39 28.30 -1.74
CA GLN B 327 45.24 27.72 -2.78
C GLN B 327 44.54 26.54 -3.46
N LEU B 328 43.94 25.66 -2.66
CA LEU B 328 43.17 24.55 -3.22
C LEU B 328 41.99 25.04 -4.04
N PHE B 329 41.35 26.14 -3.59
CA PHE B 329 40.17 26.62 -4.28
C PHE B 329 40.50 27.07 -5.70
N GLN B 330 41.64 27.76 -5.88
CA GLN B 330 41.99 28.22 -7.22
C GLN B 330 42.52 27.08 -8.08
N GLN B 331 43.30 26.17 -7.50
CA GLN B 331 43.71 24.97 -8.23
C GLN B 331 42.50 24.18 -8.70
N MET B 332 41.50 24.02 -7.83
CA MET B 332 40.26 23.36 -8.22
C MET B 332 39.58 24.09 -9.36
N GLN B 333 39.64 25.43 -9.34
CA GLN B 333 39.09 26.20 -10.46
C GLN B 333 39.94 26.03 -11.72
N GLN B 334 41.25 25.93 -11.56
CA GLN B 334 42.14 25.77 -12.72
C GLN B 334 41.97 24.42 -13.39
N GLU B 335 41.50 23.41 -12.66
CA GLU B 335 41.25 22.09 -13.23
C GLU B 335 39.82 21.90 -13.70
N GLY B 336 39.03 22.98 -13.79
CA GLY B 336 37.70 22.92 -14.33
C GLY B 336 36.61 22.48 -13.38
N VAL B 337 36.92 22.23 -12.12
CA VAL B 337 35.93 21.78 -11.16
C VAL B 337 35.15 22.99 -10.66
N LYS B 338 33.84 23.01 -10.93
CA LYS B 338 33.01 24.13 -10.52
C LYS B 338 32.70 24.03 -9.02
N PRO B 339 32.73 25.15 -8.31
CA PRO B 339 32.43 25.11 -6.87
C PRO B 339 30.94 25.15 -6.59
N SER B 340 30.55 24.50 -5.51
CA SER B 340 29.18 24.43 -5.06
C SER B 340 28.99 25.34 -3.84
N GLU B 341 27.77 25.34 -3.30
CA GLU B 341 27.52 26.11 -2.09
C GLU B 341 28.27 25.55 -0.90
N VAL B 342 28.53 24.24 -0.89
CA VAL B 342 29.30 23.64 0.18
C VAL B 342 30.74 24.12 0.15
N THR B 343 31.29 24.27 -1.06
CA THR B 343 32.66 24.77 -1.20
C THR B 343 32.81 26.14 -0.55
N PHE B 344 31.85 27.04 -0.77
CA PHE B 344 31.99 28.39 -0.27
C PHE B 344 31.80 28.47 1.24
N THR B 345 30.94 27.62 1.80
CA THR B 345 30.84 27.54 3.26
C THR B 345 32.18 27.16 3.87
N SER B 346 32.94 26.29 3.20
CA SER B 346 34.21 25.82 3.75
C SER B 346 35.29 26.90 3.64
N ILE B 347 35.37 27.59 2.50
CA ILE B 347 36.43 28.58 2.35
C ILE B 347 36.14 29.84 3.16
N LEU B 348 34.86 30.19 3.33
CA LEU B 348 34.53 31.34 4.18
C LEU B 348 34.84 31.04 5.64
N SER B 349 34.57 29.81 6.08
CA SER B 349 34.95 29.40 7.43
C SER B 349 36.46 29.37 7.59
N ALA B 350 37.18 28.97 6.53
CA ALA B 350 38.63 29.02 6.56
C ALA B 350 39.13 30.44 6.73
N CYS B 351 38.53 31.39 6.00
CA CYS B 351 38.89 32.80 6.17
C CYS B 351 38.54 33.30 7.56
N SER B 352 37.46 32.77 8.15
CA SER B 352 37.05 33.22 9.47
C SER B 352 38.04 32.79 10.55
N HIS B 353 38.53 31.55 10.48
CA HIS B 353 39.40 31.02 11.52
C HIS B 353 40.85 31.39 11.33
N ALA B 354 41.24 31.86 10.14
CA ALA B 354 42.61 32.30 9.90
C ALA B 354 42.76 33.81 9.94
N GLY B 355 41.67 34.56 10.04
CA GLY B 355 41.75 36.01 10.07
C GLY B 355 41.91 36.65 8.72
N LEU B 356 41.57 35.95 7.64
CA LEU B 356 41.69 36.50 6.28
C LEU B 356 40.43 37.33 5.97
N VAL B 357 40.39 38.51 6.59
CA VAL B 357 39.21 39.36 6.49
C VAL B 357 39.03 39.87 5.06
N ASP B 358 40.12 40.21 4.40
CA ASP B 358 40.03 40.73 3.04
C ASP B 358 39.56 39.64 2.07
N GLU B 359 40.17 38.46 2.15
CA GLU B 359 39.80 37.37 1.25
C GLU B 359 38.39 36.88 1.51
N GLY B 360 37.99 36.79 2.78
CA GLY B 360 36.66 36.30 3.09
C GLY B 360 35.55 37.20 2.55
N HIS B 361 35.78 38.51 2.57
CA HIS B 361 34.79 39.43 2.04
C HIS B 361 34.71 39.34 0.51
N HIS B 362 35.86 39.18 -0.14
CA HIS B 362 35.89 39.09 -1.60
C HIS B 362 35.11 37.87 -2.09
N TYR B 363 35.41 36.70 -1.54
CA TYR B 363 34.76 35.47 -2.01
C TYR B 363 33.26 35.50 -1.73
N PHE B 364 32.86 36.03 -0.57
CA PHE B 364 31.44 36.19 -0.26
C PHE B 364 30.75 37.07 -1.31
N GLU B 365 31.35 38.22 -1.61
CA GLU B 365 30.78 39.13 -2.58
C GLU B 365 30.85 38.59 -4.01
N SER B 366 31.78 37.69 -4.29
CA SER B 366 31.95 37.13 -5.63
C SER B 366 31.09 35.90 -5.88
N MET B 367 30.42 35.38 -4.85
CA MET B 367 29.65 34.14 -4.95
C MET B 367 28.63 34.20 -6.09
N SER B 368 27.58 34.99 -5.92
CA SER B 368 26.56 35.05 -6.97
C SER B 368 27.08 35.74 -8.23
N PRO B 369 27.82 36.85 -8.18
CA PRO B 369 28.19 37.51 -9.44
C PRO B 369 29.12 36.67 -10.31
N ASP B 370 30.15 36.05 -9.72
CA ASP B 370 31.17 35.36 -10.48
C ASP B 370 31.07 33.84 -10.43
N TYR B 371 30.15 33.30 -9.62
CA TYR B 371 30.02 31.85 -9.52
C TYR B 371 28.57 31.37 -9.56
N GLY B 372 27.59 32.26 -9.61
CA GLY B 372 26.20 31.86 -9.75
C GLY B 372 25.58 31.23 -8.52
N ILE B 373 26.26 31.27 -7.37
CA ILE B 373 25.78 30.64 -6.15
C ILE B 373 25.13 31.71 -5.29
N THR B 374 23.82 31.59 -5.10
CA THR B 374 23.10 32.51 -4.23
C THR B 374 23.39 32.17 -2.77
N PRO B 375 23.92 33.10 -1.98
CA PRO B 375 24.35 32.76 -0.62
C PRO B 375 23.18 32.27 0.24
N ARG B 376 23.50 31.31 1.12
CA ARG B 376 22.55 30.75 2.07
C ARG B 376 22.88 31.30 3.47
N VAL B 377 22.08 30.87 4.45
CA VAL B 377 22.26 31.35 5.81
C VAL B 377 23.58 30.87 6.41
N GLU B 378 24.14 29.77 5.90
CA GLU B 378 25.43 29.30 6.40
C GLU B 378 26.56 30.25 5.99
N HIS B 379 26.50 30.77 4.77
CA HIS B 379 27.53 31.69 4.31
C HIS B 379 27.49 33.00 5.08
N TYR B 380 26.28 33.47 5.43
CA TYR B 380 26.17 34.66 6.27
C TYR B 380 26.71 34.40 7.66
N GLY B 381 26.41 33.23 8.23
CA GLY B 381 26.96 32.87 9.52
C GLY B 381 28.47 32.80 9.52
N CYS B 382 29.06 32.43 8.39
CA CYS B 382 30.52 32.46 8.27
C CYS B 382 31.04 33.89 8.33
N MET B 383 30.32 34.82 7.70
CA MET B 383 30.75 36.22 7.72
C MET B 383 30.62 36.83 9.11
N VAL B 384 29.49 36.58 9.78
CA VAL B 384 29.33 37.01 11.16
C VAL B 384 30.41 36.39 12.03
N ASP B 385 30.79 35.15 11.73
CA ASP B 385 31.89 34.50 12.44
C ASP B 385 33.22 35.18 12.15
N LEU B 386 33.47 35.53 10.88
CA LEU B 386 34.71 36.20 10.51
C LEU B 386 34.82 37.56 11.19
N LEU B 387 33.73 38.33 11.21
CA LEU B 387 33.76 39.65 11.81
C LEU B 387 33.94 39.57 13.32
N GLY B 388 33.31 38.58 13.96
CA GLY B 388 33.45 38.44 15.40
C GLY B 388 34.85 38.09 15.83
N ARG B 389 35.50 37.17 15.10
CA ARG B 389 36.87 36.81 15.44
C ARG B 389 37.82 37.99 15.23
N ALA B 390 37.56 38.80 14.20
CA ALA B 390 38.37 39.99 13.94
C ALA B 390 38.03 41.15 14.87
N GLY B 391 37.06 40.99 15.76
CA GLY B 391 36.73 42.04 16.72
C GLY B 391 35.76 43.08 16.21
N ARG B 392 35.17 42.89 15.04
CA ARG B 392 34.20 43.85 14.49
C ARG B 392 32.79 43.43 14.91
N LEU B 393 32.55 43.52 16.21
CA LEU B 393 31.27 43.09 16.77
C LEU B 393 30.12 43.99 16.33
N ASP B 394 30.41 45.24 15.95
CA ASP B 394 29.36 46.12 15.44
C ASP B 394 28.91 45.69 14.06
N GLU B 395 29.87 45.45 13.16
CA GLU B 395 29.53 44.98 11.82
C GLU B 395 28.87 43.60 11.87
N ALA B 396 29.32 42.76 12.80
CA ALA B 396 28.76 41.41 12.92
C ALA B 396 27.28 41.46 13.29
N GLU B 397 26.94 42.29 14.28
CA GLU B 397 25.54 42.41 14.69
C GLU B 397 24.70 43.03 13.58
N ASP B 398 25.23 44.06 12.92
CA ASP B 398 24.50 44.68 11.81
C ASP B 398 24.26 43.71 10.68
N LEU B 399 25.15 42.72 10.52
CA LEU B 399 24.96 41.72 9.46
C LEU B 399 23.84 40.76 9.82
N ILE B 400 23.70 40.42 11.10
CA ILE B 400 22.62 39.53 11.52
C ILE B 400 21.26 40.14 11.23
N LYS B 401 21.15 41.47 11.37
CA LYS B 401 19.89 42.15 11.08
C LYS B 401 19.68 42.33 9.58
N SER B 402 20.69 42.84 8.88
CA SER B 402 20.55 43.18 7.47
C SER B 402 20.54 41.96 6.55
N MET B 403 20.81 40.77 7.08
CA MET B 403 20.82 39.58 6.24
C MET B 403 19.39 39.18 5.87
N PRO B 404 19.19 38.64 4.66
CA PRO B 404 17.82 38.34 4.21
C PRO B 404 17.18 37.17 4.93
N PHE B 405 17.95 36.36 5.66
CA PHE B 405 17.40 35.20 6.35
C PHE B 405 16.97 35.59 7.77
N GLN B 406 16.14 34.73 8.36
CA GLN B 406 15.72 34.93 9.74
C GLN B 406 16.84 34.49 10.67
N PRO B 407 17.25 35.33 11.63
CA PRO B 407 18.35 34.96 12.52
C PRO B 407 18.03 33.70 13.32
N ASN B 408 19.07 32.89 13.54
CA ASN B 408 18.96 31.66 14.31
C ASN B 408 19.91 31.72 15.50
N VAL B 409 19.89 30.65 16.31
CA VAL B 409 20.74 30.60 17.50
C VAL B 409 22.22 30.49 17.14
N VAL B 410 22.53 29.95 15.97
CA VAL B 410 23.93 29.81 15.57
C VAL B 410 24.56 31.19 15.34
N VAL B 411 23.85 32.06 14.63
CA VAL B 411 24.41 33.37 14.30
C VAL B 411 24.42 34.29 15.51
N TRP B 412 23.47 34.12 16.44
CA TRP B 412 23.51 34.89 17.67
C TRP B 412 24.54 34.33 18.63
N GLY B 413 24.63 32.99 18.73
CA GLY B 413 25.67 32.39 19.55
C GLY B 413 27.06 32.72 19.07
N THR B 414 27.22 32.91 17.75
CA THR B 414 28.50 33.39 17.23
C THR B 414 28.83 34.78 17.77
N LEU B 415 27.85 35.69 17.70
CA LEU B 415 28.04 37.03 18.25
C LEU B 415 28.37 36.96 19.74
N LEU B 416 27.60 36.17 20.49
CA LEU B 416 27.80 36.10 21.93
C LEU B 416 29.18 35.53 22.28
N GLY B 417 29.63 34.52 21.54
CA GLY B 417 30.96 33.98 21.76
C GLY B 417 32.04 35.01 21.47
N ALA B 418 31.85 35.83 20.43
CA ALA B 418 32.81 36.88 20.13
C ALA B 418 32.77 37.98 21.17
N CYS B 419 31.58 38.31 21.67
CA CYS B 419 31.49 39.26 22.78
C CYS B 419 32.26 38.76 24.00
N ARG B 420 32.28 37.44 24.22
CA ARG B 420 33.04 36.88 25.32
C ARG B 420 34.54 37.07 25.10
N VAL B 421 35.02 36.84 23.88
CA VAL B 421 36.44 36.96 23.60
C VAL B 421 36.89 38.41 23.75
N HIS B 422 36.08 39.35 23.27
CA HIS B 422 36.46 40.75 23.23
C HIS B 422 35.89 41.57 24.39
N GLY B 423 35.10 40.94 25.27
CA GLY B 423 34.65 41.61 26.47
C GLY B 423 33.55 42.63 26.30
N ASP B 424 32.77 42.55 25.23
CA ASP B 424 31.67 43.47 25.00
C ASP B 424 30.48 43.00 25.82
N VAL B 425 30.38 43.51 27.06
CA VAL B 425 29.35 43.04 27.98
C VAL B 425 27.96 43.41 27.47
N GLU B 426 27.76 44.67 27.10
CA GLU B 426 26.45 45.13 26.65
C GLU B 426 25.93 44.29 25.49
N ARG B 427 26.72 44.20 24.41
CA ARG B 427 26.30 43.42 23.25
C ARG B 427 26.11 41.95 23.62
N GLY B 428 26.89 41.43 24.57
CA GLY B 428 26.70 40.06 25.01
C GLY B 428 25.36 39.86 25.68
N GLU B 429 24.91 40.84 26.47
CA GLU B 429 23.59 40.75 27.10
C GLU B 429 22.50 40.78 26.05
N ARG B 430 22.65 41.61 25.01
CA ARG B 430 21.71 41.60 23.90
C ARG B 430 21.70 40.25 23.20
N ALA B 431 22.88 39.76 22.83
CA ALA B 431 22.97 38.49 22.11
C ALA B 431 22.42 37.34 22.95
N ALA B 432 22.75 37.31 24.24
CA ALA B 432 22.20 36.28 25.12
C ALA B 432 20.69 36.38 25.19
N GLU B 433 20.14 37.59 25.12
CA GLU B 433 18.69 37.74 25.11
C GLU B 433 18.07 37.17 23.84
N ARG B 434 18.70 37.42 22.69
CA ARG B 434 18.18 36.89 21.43
C ARG B 434 18.19 35.37 21.43
N ILE B 435 19.24 34.76 21.98
CA ILE B 435 19.31 33.30 22.02
C ILE B 435 18.22 32.75 22.93
N LEU B 436 17.96 33.42 24.05
CA LEU B 436 17.02 32.88 25.03
C LEU B 436 15.57 32.99 24.56
N GLU B 437 15.25 34.00 23.75
CA GLU B 437 13.91 34.07 23.17
C GLU B 437 13.76 33.16 21.95
N LEU B 438 14.85 32.63 21.43
CA LEU B 438 14.80 31.63 20.37
C LEU B 438 14.82 30.21 20.93
N ASP B 439 15.76 29.93 21.82
CA ASP B 439 15.87 28.63 22.48
C ASP B 439 16.01 28.88 23.98
N PRO B 440 14.93 28.71 24.75
CA PRO B 440 15.00 29.04 26.18
C PRO B 440 15.70 27.99 27.03
N GLU B 441 15.76 26.74 26.58
CA GLU B 441 16.36 25.66 27.35
C GLU B 441 17.76 25.30 26.89
N SER B 442 18.40 26.16 26.08
CA SER B 442 19.78 25.95 25.68
C SER B 442 20.71 26.60 26.71
N ALA B 443 21.78 25.88 27.04
CA ALA B 443 22.62 26.28 28.17
C ALA B 443 23.71 27.28 27.79
N ALA B 444 24.04 27.41 26.51
CA ALA B 444 25.14 28.29 26.12
C ALA B 444 24.92 29.75 26.47
N PRO B 445 23.75 30.37 26.25
CA PRO B 445 23.59 31.79 26.60
C PRO B 445 23.77 32.08 28.09
N TYR B 446 23.44 31.12 28.96
CA TYR B 446 23.64 31.33 30.39
C TYR B 446 25.12 31.29 30.74
N VAL B 447 25.83 30.27 30.26
CA VAL B 447 27.23 30.10 30.64
C VAL B 447 28.09 31.21 30.06
N LEU B 448 27.84 31.58 28.79
CA LEU B 448 28.68 32.59 28.15
C LEU B 448 28.50 33.97 28.79
N LEU B 449 27.25 34.35 29.08
CA LEU B 449 27.01 35.68 29.63
C LEU B 449 27.68 35.86 30.98
N SER B 450 27.65 34.82 31.83
CA SER B 450 28.29 34.93 33.14
C SER B 450 29.81 34.80 33.05
N ASN B 451 30.30 34.03 32.08
CA ASN B 451 31.73 34.08 31.76
C ASN B 451 32.16 35.51 31.44
N ILE B 452 31.31 36.24 30.73
CA ILE B 452 31.55 37.65 30.45
C ILE B 452 31.56 38.45 31.76
N TYR B 453 30.59 38.19 32.63
CA TYR B 453 30.52 38.88 33.91
C TYR B 453 31.73 38.54 34.78
N ALA B 454 32.05 37.25 34.89
CA ALA B 454 33.17 36.83 35.74
C ALA B 454 34.48 37.41 35.25
N ALA B 455 34.64 37.55 33.92
CA ALA B 455 35.85 38.15 33.38
C ALA B 455 35.96 39.63 33.75
N ALA B 456 34.82 40.32 33.84
CA ALA B 456 34.82 41.74 34.18
C ALA B 456 34.86 41.99 35.68
N GLY B 457 34.88 40.94 36.50
CA GLY B 457 34.87 41.10 37.94
C GLY B 457 33.51 41.28 38.56
N ARG B 458 32.44 41.24 37.76
CA ARG B 458 31.07 41.37 38.28
C ARG B 458 30.58 40.00 38.75
N TRP B 459 31.17 39.55 39.85
CA TRP B 459 30.86 38.22 40.36
C TRP B 459 29.41 38.10 40.84
N ASP B 460 28.83 39.21 41.29
CA ASP B 460 27.44 39.18 41.74
C ASP B 460 26.49 38.95 40.58
N GLU B 461 26.69 39.68 39.47
CA GLU B 461 25.83 39.51 38.30
C GLU B 461 26.05 38.16 37.64
N ALA B 462 27.25 37.59 37.76
CA ALA B 462 27.52 36.28 37.18
C ALA B 462 26.74 35.19 37.90
N ALA B 463 26.83 35.16 39.23
CA ALA B 463 26.07 34.20 40.01
C ALA B 463 24.57 34.39 39.86
N LYS B 464 24.13 35.60 39.50
CA LYS B 464 22.71 35.84 39.28
C LYS B 464 22.18 34.99 38.13
N VAL B 465 22.87 35.02 36.99
CA VAL B 465 22.41 34.23 35.84
C VAL B 465 22.71 32.75 36.04
N ARG B 466 23.70 32.41 36.88
CA ARG B 466 23.89 31.02 37.26
C ARG B 466 22.67 30.49 38.01
N LYS B 467 22.22 31.23 39.02
CA LYS B 467 21.01 30.85 39.76
C LYS B 467 19.79 30.86 38.85
N LEU B 468 19.73 31.80 37.90
CA LEU B 468 18.60 31.84 36.97
C LEU B 468 18.63 30.65 36.03
N MET B 469 19.81 30.23 35.59
CA MET B 469 19.92 29.03 34.76
C MET B 469 19.50 27.79 35.54
N LYS B 470 19.79 27.75 36.84
CA LYS B 470 19.39 26.62 37.66
C LYS B 470 17.88 26.59 37.88
N GLU B 471 17.27 27.76 38.08
CA GLU B 471 15.83 27.81 38.36
C GLU B 471 15.00 27.41 37.15
N ARG B 472 15.47 27.73 35.94
CA ARG B 472 14.75 27.39 34.73
C ARG B 472 14.96 25.96 34.28
N GLY B 473 15.59 25.13 35.11
CA GLY B 473 15.79 23.73 34.78
C GLY B 473 16.71 23.49 33.60
N VAL B 474 17.63 24.42 33.34
CA VAL B 474 18.58 24.30 32.24
C VAL B 474 19.88 23.75 32.79
N LYS B 475 20.30 22.59 32.28
CA LYS B 475 21.59 22.01 32.61
C LYS B 475 22.52 22.07 31.41
N LYS B 476 23.81 22.23 31.69
CA LYS B 476 24.81 22.39 30.65
C LYS B 476 25.56 21.09 30.43
N GLU B 477 26.06 20.91 29.20
CA GLU B 477 26.94 19.79 28.93
C GLU B 477 28.27 20.02 29.63
N PRO B 478 28.87 18.99 30.21
CA PRO B 478 30.14 19.19 30.93
C PRO B 478 31.28 19.47 29.96
N GLY B 479 32.14 20.42 30.33
CA GLY B 479 33.33 20.70 29.58
C GLY B 479 34.21 19.46 29.49
N CYS B 480 34.45 18.98 28.28
CA CYS B 480 35.09 17.69 28.08
C CYS B 480 36.22 17.79 27.06
N SER B 481 37.24 16.95 27.26
CA SER B 481 38.32 16.83 26.30
C SER B 481 38.80 15.38 26.33
N TRP B 482 38.81 14.73 25.18
CA TRP B 482 39.08 13.29 25.12
C TRP B 482 40.23 12.99 24.16
N ILE B 483 40.91 11.88 24.44
CA ILE B 483 42.05 11.41 23.66
C ILE B 483 41.90 9.90 23.45
N GLU B 484 42.37 9.42 22.31
CA GLU B 484 42.32 8.00 21.99
C GLU B 484 43.71 7.40 22.18
N VAL B 485 43.84 6.48 23.13
CA VAL B 485 45.06 5.72 23.33
C VAL B 485 44.68 4.27 23.57
N ASN B 486 45.44 3.34 22.97
CA ASN B 486 45.18 1.91 23.08
C ASN B 486 43.76 1.57 22.65
N ASN B 487 43.32 2.17 21.55
CA ASN B 487 42.02 1.92 20.93
C ASN B 487 40.85 2.24 21.85
N LYS B 488 41.05 3.15 22.81
CA LYS B 488 39.98 3.57 23.71
C LYS B 488 40.02 5.09 23.85
N VAL B 489 38.85 5.71 23.75
CA VAL B 489 38.73 7.16 23.87
C VAL B 489 38.43 7.49 25.34
N HIS B 490 39.37 8.16 26.01
CA HIS B 490 39.24 8.50 27.42
C HIS B 490 38.79 9.95 27.55
N GLU B 491 37.72 10.17 28.31
CA GLU B 491 37.17 11.50 28.52
C GLU B 491 37.64 12.07 29.85
N PHE B 492 37.77 13.40 29.89
CA PHE B 492 38.18 14.11 31.09
C PHE B 492 37.42 15.43 31.18
N VAL B 493 36.97 15.77 32.39
CA VAL B 493 36.40 17.08 32.66
C VAL B 493 37.39 17.87 33.51
N ALA B 494 37.06 19.13 33.76
CA ALA B 494 37.92 19.97 34.57
C ALA B 494 37.98 19.45 36.01
N GLY B 495 39.19 19.33 36.53
CA GLY B 495 39.38 18.79 37.87
C GLY B 495 38.90 17.35 38.01
N ASP B 496 38.90 16.59 36.93
CA ASP B 496 38.41 15.22 36.97
C ASP B 496 39.26 14.38 37.91
N LYS B 497 38.59 13.58 38.75
CA LYS B 497 39.26 12.64 39.63
C LYS B 497 38.68 11.23 39.50
N SER B 498 37.90 10.96 38.47
CA SER B 498 37.22 9.69 38.29
C SER B 498 37.99 8.72 37.40
N HIS B 499 39.10 9.14 36.81
CA HIS B 499 39.85 8.24 35.97
C HIS B 499 40.62 7.24 36.84
N PRO B 500 40.69 5.97 36.44
CA PRO B 500 41.44 5.01 37.26
C PRO B 500 42.90 5.39 37.42
N GLN B 501 43.50 5.99 36.40
CA GLN B 501 44.85 6.54 36.50
C GLN B 501 44.87 7.99 36.96
N THR B 502 43.98 8.40 37.87
CA THR B 502 44.02 9.80 38.32
C THR B 502 45.35 10.16 38.96
N LYS B 503 45.89 9.26 39.79
CA LYS B 503 47.11 9.57 40.55
C LYS B 503 48.29 9.84 39.63
N GLU B 504 48.62 8.88 38.77
CA GLU B 504 49.73 9.02 37.84
C GLU B 504 49.59 10.28 36.97
N ILE B 505 48.37 10.61 36.59
CA ILE B 505 48.14 11.82 35.79
C ILE B 505 48.56 13.06 36.54
N TYR B 506 48.03 13.25 37.76
CA TYR B 506 48.37 14.46 38.51
C TYR B 506 49.85 14.48 38.89
N ALA B 507 50.48 13.32 39.04
CA ALA B 507 51.93 13.28 39.20
C ALA B 507 52.62 13.77 37.92
N GLU B 508 52.13 13.34 36.77
CA GLU B 508 52.54 13.89 35.48
C GLU B 508 52.35 15.41 35.44
N LEU B 509 51.21 15.89 35.93
CA LEU B 509 50.95 17.32 35.94
C LEU B 509 51.87 18.05 36.91
N GLU B 510 52.21 17.42 38.02
CA GLU B 510 53.09 18.06 39.00
C GLU B 510 54.49 18.24 38.44
N ARG B 511 55.03 17.23 37.76
CA ARG B 511 56.39 17.36 37.22
C ARG B 511 56.41 18.32 36.04
N LEU B 512 55.35 18.37 35.24
CA LEU B 512 55.31 19.30 34.13
C LEU B 512 55.31 20.74 34.62
N SER B 513 54.61 21.02 35.72
CA SER B 513 54.58 22.38 36.26
C SER B 513 55.97 22.85 36.66
N LYS B 514 56.76 21.96 37.28
CA LYS B 514 58.13 22.31 37.61
C LYS B 514 58.93 22.63 36.35
N GLN B 515 58.84 21.76 35.34
CA GLN B 515 59.55 22.02 34.08
C GLN B 515 59.06 23.30 33.42
N MET B 516 57.76 23.60 33.57
CA MET B 516 57.21 24.78 32.92
C MET B 516 57.72 26.07 33.56
N LYS B 517 57.92 26.06 34.88
CA LYS B 517 58.46 27.25 35.54
C LYS B 517 59.93 27.46 35.22
N GLU B 518 60.67 26.37 34.96
CA GLU B 518 62.06 26.52 34.52
C GLU B 518 62.12 27.16 33.14
N ALA B 519 61.14 26.84 32.28
CA ALA B 519 61.09 27.42 30.94
C ALA B 519 60.63 28.87 30.93
N GLY B 520 60.19 29.39 32.08
CA GLY B 520 59.75 30.77 32.17
C GLY B 520 58.27 31.00 32.06
N TYR B 521 57.45 29.96 32.19
CA TYR B 521 56.01 30.12 32.11
C TYR B 521 55.48 30.65 33.44
N VAL B 522 54.62 31.67 33.36
CA VAL B 522 54.01 32.29 34.54
C VAL B 522 52.51 32.26 34.36
N PRO B 523 51.75 31.60 35.24
CA PRO B 523 50.29 31.52 35.06
C PRO B 523 49.64 32.89 35.17
N ASP B 524 48.73 33.17 34.23
CA ASP B 524 47.99 34.43 34.21
C ASP B 524 46.57 34.13 34.69
N THR B 525 46.34 34.37 35.98
CA THR B 525 45.02 34.17 36.58
C THR B 525 44.06 35.31 36.28
N LYS B 526 44.40 36.18 35.32
CA LYS B 526 43.54 37.32 35.00
C LYS B 526 42.16 36.87 34.53
N PHE B 527 42.07 35.70 33.90
CA PHE B 527 40.81 35.21 33.34
C PHE B 527 40.54 33.78 33.82
N VAL B 528 40.70 33.57 35.12
CA VAL B 528 40.17 32.38 35.79
C VAL B 528 38.81 32.78 36.35
N LEU B 529 37.74 32.23 35.77
CA LEU B 529 36.40 32.72 36.04
C LEU B 529 35.85 32.23 37.37
N HIS B 530 36.60 32.42 38.44
CA HIS B 530 36.17 32.06 39.79
C HIS B 530 36.72 33.10 40.76
N ASP B 531 35.86 33.62 41.63
CA ASP B 531 36.26 34.58 42.65
C ASP B 531 36.87 33.84 43.85
N VAL B 532 37.91 33.07 43.57
CA VAL B 532 38.65 32.37 44.60
C VAL B 532 39.99 33.04 44.78
N GLU B 533 40.81 32.51 45.69
CA GLU B 533 42.10 33.12 45.97
C GLU B 533 43.06 32.89 44.80
N GLU B 534 44.15 33.66 44.79
CA GLU B 534 45.03 33.69 43.63
C GLU B 534 45.73 32.35 43.41
N GLU B 535 46.13 31.69 44.49
CA GLU B 535 46.73 30.37 44.36
C GLU B 535 45.71 29.33 43.95
N GLU B 536 44.48 29.45 44.45
CA GLU B 536 43.41 28.57 43.98
C GLU B 536 43.10 28.81 42.51
N LYS B 537 43.32 30.04 42.02
CA LYS B 537 43.15 30.31 40.60
C LYS B 537 44.24 29.65 39.77
N GLU B 538 45.41 29.41 40.36
CA GLU B 538 46.48 28.73 39.63
C GLU B 538 46.26 27.22 39.57
N GLN B 539 45.71 26.63 40.65
CA GLN B 539 45.43 25.21 40.63
C GLN B 539 44.22 24.90 39.75
N LEU B 540 43.21 25.77 39.76
CA LEU B 540 42.08 25.61 38.86
C LEU B 540 42.53 25.70 37.41
N LEU B 541 43.40 26.66 37.10
CA LEU B 541 43.98 26.75 35.75
C LEU B 541 44.80 25.51 35.42
N CYS B 542 45.55 25.00 36.40
CA CYS B 542 46.49 23.91 36.13
C CYS B 542 45.79 22.60 35.83
N TYR B 543 44.58 22.39 36.36
CA TYR B 543 43.87 21.12 36.23
C TYR B 543 42.76 21.18 35.18
N HIS B 544 42.97 22.00 34.14
CA HIS B 544 41.96 22.11 33.04
C HIS B 544 41.83 20.74 32.36
N SER B 545 40.73 20.50 31.66
CA SER B 545 40.43 19.19 31.10
C SER B 545 41.47 18.75 30.08
N GLU B 546 41.82 19.63 29.14
CA GLU B 546 42.79 19.25 28.11
C GLU B 546 44.18 19.02 28.70
N LYS B 547 44.52 19.65 29.82
CA LYS B 547 45.78 19.35 30.47
C LYS B 547 45.77 17.98 31.13
N LEU B 548 44.59 17.53 31.60
CA LEU B 548 44.47 16.17 32.08
C LEU B 548 44.68 15.17 30.95
N ALA B 549 44.24 15.52 29.74
CA ALA B 549 44.37 14.61 28.61
C ALA B 549 45.81 14.55 28.12
N ILE B 550 46.53 15.68 28.15
CA ILE B 550 47.95 15.64 27.80
C ILE B 550 48.72 14.78 28.79
N ALA B 551 48.42 14.94 30.08
CA ALA B 551 49.14 14.17 31.09
C ALA B 551 48.88 12.69 30.97
N PHE B 552 47.62 12.31 30.67
CA PHE B 552 47.32 10.90 30.44
C PHE B 552 48.02 10.38 29.19
N GLY B 553 48.01 11.17 28.11
CA GLY B 553 48.71 10.78 26.90
C GLY B 553 50.22 10.78 27.04
N LEU B 554 50.76 11.57 27.98
CA LEU B 554 52.21 11.60 28.17
C LEU B 554 52.71 10.35 28.87
N ILE B 555 51.88 9.75 29.74
CA ILE B 555 52.27 8.52 30.44
C ILE B 555 51.82 7.25 29.74
N SER B 556 50.95 7.36 28.73
CA SER B 556 50.44 6.20 28.02
C SER B 556 51.17 5.91 26.72
N THR B 557 51.52 6.95 25.97
CA THR B 557 52.21 6.83 24.68
C THR B 557 53.72 7.01 24.86
N PRO B 558 54.53 6.42 23.98
CA PRO B 558 55.98 6.61 24.07
C PRO B 558 56.35 8.06 23.78
N PRO B 559 57.56 8.50 24.18
CA PRO B 559 57.93 9.90 23.96
C PRO B 559 58.01 10.22 22.48
N GLY B 560 57.69 11.48 22.16
CA GLY B 560 57.69 11.94 20.78
C GLY B 560 56.43 11.62 20.01
N THR B 561 55.50 10.87 20.58
CA THR B 561 54.28 10.52 19.88
C THR B 561 53.33 11.71 19.84
N PRO B 562 52.83 12.08 18.66
CA PRO B 562 51.87 13.20 18.59
C PRO B 562 50.61 12.88 19.37
N LEU B 563 50.23 13.80 20.25
CA LEU B 563 49.02 13.68 21.05
C LEU B 563 47.90 14.49 20.40
N ARG B 564 46.85 13.79 19.97
CA ARG B 564 45.70 14.41 19.34
C ARG B 564 44.54 14.39 20.34
N ILE B 565 44.06 15.58 20.71
CA ILE B 565 43.08 15.73 21.77
C ILE B 565 41.91 16.56 21.24
N ILE B 566 40.69 16.11 21.52
CA ILE B 566 39.47 16.75 21.06
C ILE B 566 38.71 17.30 22.26
N LYS B 567 38.34 18.57 22.20
CA LYS B 567 37.53 19.22 23.23
C LYS B 567 36.14 19.53 22.68
N ASN B 568 35.25 19.88 23.60
CA ASN B 568 33.93 20.40 23.24
C ASN B 568 33.80 21.88 23.57
N LEU B 569 34.92 22.59 23.69
CA LEU B 569 34.89 23.97 24.14
C LEU B 569 36.15 24.67 23.67
N ARG B 570 36.08 26.01 23.62
CA ARG B 570 37.19 26.84 23.20
C ARG B 570 38.33 26.77 24.21
N VAL B 571 39.56 26.84 23.70
CA VAL B 571 40.73 26.89 24.57
C VAL B 571 40.92 28.32 25.07
N CYS B 572 41.30 28.41 26.35
CA CYS B 572 41.50 29.73 27.00
C CYS B 572 42.88 30.27 26.67
N GLY B 573 43.10 31.54 26.96
CA GLY B 573 44.35 32.18 26.58
C GLY B 573 45.55 31.59 27.28
N ASP B 574 45.50 31.47 28.61
CA ASP B 574 46.64 30.96 29.35
C ASP B 574 46.86 29.48 29.11
N CYS B 575 45.80 28.73 28.86
CA CYS B 575 46.07 27.30 28.53
C CYS B 575 46.72 27.26 27.16
N HIS B 576 46.20 28.06 26.23
CA HIS B 576 46.87 28.10 24.94
C HIS B 576 48.36 28.38 25.10
N THR B 577 48.71 29.35 25.93
CA THR B 577 50.11 29.66 26.18
C THR B 577 50.80 28.54 26.94
N ALA B 578 50.09 27.91 27.88
CA ALA B 578 50.67 26.80 28.63
C ALA B 578 51.00 25.62 27.72
N THR B 579 50.04 25.23 26.87
CA THR B 579 50.29 24.12 25.95
C THR B 579 51.42 24.43 24.98
N LYS B 580 51.64 25.71 24.68
CA LYS B 580 52.78 26.08 23.85
C LYS B 580 54.10 25.77 24.57
N PHE B 581 54.16 26.03 25.87
CA PHE B 581 55.35 25.67 26.65
C PHE B 581 55.54 24.16 26.69
N ILE B 582 54.45 23.43 26.92
CA ILE B 582 54.54 21.97 27.05
C ILE B 582 55.06 21.34 25.75
N SER B 583 54.63 21.88 24.60
CA SER B 583 55.05 21.31 23.32
C SER B 583 56.56 21.37 23.15
N LYS B 584 57.18 22.44 23.65
CA LYS B 584 58.65 22.52 23.61
C LYS B 584 59.28 21.65 24.69
N ILE B 585 58.64 21.55 25.85
CA ILE B 585 59.21 20.79 26.95
C ILE B 585 59.19 19.30 26.64
N VAL B 586 58.03 18.77 26.26
CA VAL B 586 57.91 17.34 26.02
C VAL B 586 58.36 16.92 24.63
N GLY B 587 58.69 17.87 23.76
CA GLY B 587 59.23 17.54 22.45
C GLY B 587 58.28 16.78 21.55
N ARG B 588 56.97 16.93 21.75
CA ARG B 588 55.98 16.33 20.89
C ARG B 588 55.09 17.41 20.30
N GLU B 589 54.47 17.08 19.17
CA GLU B 589 53.43 17.94 18.59
C GLU B 589 52.10 17.59 19.26
N ILE B 590 51.48 18.58 19.89
CA ILE B 590 50.19 18.41 20.56
C ILE B 590 49.13 19.08 19.72
N VAL B 591 48.19 18.29 19.21
CA VAL B 591 47.09 18.78 18.38
C VAL B 591 45.83 18.77 19.23
N VAL B 592 45.24 19.94 19.45
CA VAL B 592 44.07 20.10 20.29
C VAL B 592 42.98 20.78 19.48
N ARG B 593 41.76 20.26 19.56
CA ARG B 593 40.61 20.84 18.90
C ARG B 593 39.82 21.69 19.89
N ASP B 594 39.31 22.82 19.42
CA ASP B 594 38.32 23.56 20.17
C ASP B 594 36.96 22.93 19.91
N ALA B 595 35.90 23.74 19.86
CA ALA B 595 34.61 23.21 19.45
C ALA B 595 34.66 22.64 18.04
N ASN B 596 35.52 23.19 17.19
CA ASN B 596 35.64 22.74 15.81
C ASN B 596 37.06 22.90 15.30
N ARG B 597 37.68 24.05 15.56
CA ARG B 597 38.98 24.37 15.01
C ARG B 597 40.09 23.63 15.76
N PHE B 598 41.15 23.27 15.02
CA PHE B 598 42.29 22.54 15.55
C PHE B 598 43.47 23.46 15.78
N HIS B 599 44.17 23.26 16.89
CA HIS B 599 45.43 23.92 17.18
C HIS B 599 46.58 22.93 17.05
N HIS B 600 47.72 23.40 16.58
CA HIS B 600 48.91 22.56 16.41
C HIS B 600 50.06 23.19 17.19
N PHE B 601 50.30 22.69 18.39
CA PHE B 601 51.39 23.16 19.24
C PHE B 601 52.65 22.36 18.92
N LYS B 602 53.70 23.05 18.48
CA LYS B 602 54.96 22.39 18.17
C LYS B 602 56.10 23.39 18.37
N ASP B 603 57.11 22.98 19.15
CA ASP B 603 58.33 23.76 19.33
C ASP B 603 58.05 25.13 19.94
N GLY B 604 57.16 25.17 20.93
CA GLY B 604 56.87 26.39 21.66
C GLY B 604 55.88 27.33 21.02
N VAL B 605 55.46 27.06 19.78
CA VAL B 605 54.53 27.92 19.07
C VAL B 605 53.31 27.10 18.66
N CYS B 606 52.25 27.80 18.26
CA CYS B 606 51.05 27.18 17.75
C CYS B 606 50.83 27.60 16.31
N SER B 607 50.24 26.69 15.52
CA SER B 607 50.03 26.95 14.10
C SER B 607 49.03 28.08 13.86
N CYS B 608 48.17 28.38 14.83
CA CYS B 608 47.15 29.40 14.64
C CYS B 608 47.71 30.83 14.70
N GLY B 609 48.97 31.00 15.07
CA GLY B 609 49.53 32.33 15.19
C GLY B 609 48.89 33.16 16.28
N ASP B 610 48.46 32.51 17.37
CA ASP B 610 47.77 33.18 18.48
C ASP B 610 46.52 33.93 18.01
N TYR B 611 45.92 33.45 16.92
CA TYR B 611 44.67 34.00 16.40
C TYR B 611 43.69 32.85 16.26
N TRP B 612 42.64 32.86 17.07
CA TRP B 612 41.62 31.81 17.01
C TRP B 612 40.29 32.27 17.60
ZN ZN E . -37.38 -40.36 -19.27
ZN ZN F . -45.02 -30.91 -18.26
C1 GOL G . -32.98 21.64 17.30
O1 GOL G . -33.29 22.24 18.52
C2 GOL G . -33.86 22.33 16.22
O2 GOL G . -34.88 21.50 15.77
C3 GOL G . -32.87 22.71 15.10
O3 GOL G . -32.44 24.01 15.36
ZN ZN H . 42.22 26.57 29.75
ZN ZN I . 46.53 28.04 18.59
C1 GOL J . 42.77 11.22 17.95
O1 GOL J . 41.94 10.97 16.86
C2 GOL J . 41.93 11.00 19.22
O2 GOL J . 42.43 11.69 20.32
C3 GOL J . 40.49 11.44 18.86
O3 GOL J . 39.67 11.08 19.92
#